data_6PYD
#
_entry.id   6PYD
#
_cell.length_a   49.920
_cell.length_b   67.690
_cell.length_c   71.986
_cell.angle_alpha   97.37
_cell.angle_beta   106.35
_cell.angle_gamma   107.00
#
_symmetry.space_group_name_H-M   'P 1'
#
loop_
_entity.id
_entity.type
_entity.pdbx_description
1 polymer '3E9 anti-marinobufagenin antibody Fab heavy chain, recloned with human IgG4 C region'
2 polymer '3E9 antibody Fab light chain'
3 non-polymer (3beta,5beta,14alpha,15beta)-3,5-dihydroxy-14,15-epoxybufa-20,22-dienolide
4 water water
#
loop_
_entity_poly.entity_id
_entity_poly.type
_entity_poly.pdbx_seq_one_letter_code
_entity_poly.pdbx_strand_id
1 'polypeptide(L)'
;EVQLQESGPSLVKPSQTLSLTCSVTGDSITSGYWNWIRKFPGNKLEYMGYISYSGTTYYNPSLKSRISITRDTSKNQYYL
QLNSVTTEDTATYYCARARYGYGFDYWGQGTTLTVSSASTKGPSVFPLAPCSRSTSESTAALGCLVKDYFPEPVTVSWNS
GALTSGVHTFPAVLQSSGLYSLSSVVTVPSSSLGTKTYTCNVDHKPSNTKVDKRVESKYGPP
;
H,A
2 'polypeptide(L)'
;DVLMTQTPLSLPVSLGDQASISCRSSQSIVHSNRNTYLEWYLQKPGQSPKLLIYKVSNRFSGVPDRFSGSGSGTDFTLKI
SRVEAEDLGVYYCFQGSHVPLTFGAGTKLELKRTVAAPSVFIFPPSDEQLKSGTASVVCLLNNFYPREAKVQWKVDNALQ
SGNSQESVTEQDSKDSTYSLSSTLTLSKADYEKHKVYACEVTHQGLSSPVTKSFNRGEC
;
L,B
#
# COMPACT_ATOMS: atom_id res chain seq x y z
N VAL A 2 -16.31 -7.31 -5.30
CA VAL A 2 -17.00 -6.43 -4.29
C VAL A 2 -16.03 -5.45 -3.62
N GLN A 3 -16.28 -4.15 -3.81
CA GLN A 3 -15.48 -3.08 -3.17
C GLN A 3 -16.39 -2.04 -2.51
N LEU A 4 -16.00 -1.63 -1.30
CA LEU A 4 -16.64 -0.57 -0.57
C LEU A 4 -15.65 0.56 -0.36
N GLN A 5 -16.13 1.80 -0.36
CA GLN A 5 -15.23 2.94 -0.17
C GLN A 5 -15.91 4.08 0.58
N GLU A 6 -15.32 4.45 1.72
CA GLU A 6 -15.83 5.53 2.56
C GLU A 6 -15.35 6.88 2.05
N SER A 7 -16.19 7.90 2.19
CA SER A 7 -15.81 9.29 1.91
C SER A 7 -16.57 10.24 2.81
N GLY A 8 -16.05 11.46 2.94
CA GLY A 8 -16.56 12.46 3.86
C GLY A 8 -15.41 13.22 4.51
N PRO A 9 -15.73 14.21 5.35
CA PRO A 9 -14.69 15.07 5.93
C PRO A 9 -13.80 14.33 6.90
N SER A 10 -12.52 14.72 6.97
CA SER A 10 -11.57 14.17 7.94
C SER A 10 -11.77 14.79 9.32
N LEU A 11 -12.48 15.92 9.36
CA LEU A 11 -12.65 16.69 10.58
C LEU A 11 -14.04 17.34 10.64
N VAL A 12 -14.64 17.34 11.82
CA VAL A 12 -15.82 18.18 12.11
C VAL A 12 -15.66 18.82 13.49
N LYS A 13 -16.45 19.87 13.73
CA LYS A 13 -16.44 20.59 15.01
C LYS A 13 -17.41 19.95 15.99
N PRO A 14 -17.15 20.08 17.31
CA PRO A 14 -18.08 19.57 18.34
C PRO A 14 -19.49 20.14 18.19
N SER A 15 -20.49 19.27 18.35
CA SER A 15 -21.92 19.58 18.18
C SER A 15 -22.43 19.55 16.73
N GLN A 16 -21.53 19.56 15.74
CA GLN A 16 -21.94 19.48 14.34
C GLN A 16 -22.28 18.06 13.94
N THR A 17 -22.93 17.93 12.80
CA THR A 17 -23.31 16.63 12.26
C THR A 17 -22.13 16.05 11.48
N LEU A 18 -21.92 14.75 11.64
CA LEU A 18 -21.00 13.98 10.83
C LEU A 18 -21.81 13.28 9.75
N SER A 19 -21.34 13.36 8.52
CA SER A 19 -22.05 12.76 7.40
C SER A 19 -21.06 12.07 6.49
N LEU A 20 -21.16 10.74 6.39
CA LEU A 20 -20.26 9.94 5.60
C LEU A 20 -21.02 9.16 4.55
N THR A 21 -20.29 8.75 3.51
CA THR A 21 -20.85 8.02 2.38
C THR A 21 -20.04 6.76 2.17
N CYS A 22 -20.74 5.67 1.86
CA CYS A 22 -20.10 4.45 1.37
C CYS A 22 -20.55 4.20 -0.06
N SER A 23 -19.59 4.15 -0.98
CA SER A 23 -19.84 3.82 -2.38
C SER A 23 -19.49 2.36 -2.59
N VAL A 24 -20.43 1.62 -3.16
CA VAL A 24 -20.31 0.17 -3.36
C VAL A 24 -20.21 -0.15 -4.86
N THR A 25 -19.25 -1.00 -5.21
CA THR A 25 -19.15 -1.55 -6.57
C THR A 25 -19.01 -3.07 -6.51
N GLY A 26 -19.30 -3.71 -7.65
CA GLY A 26 -19.24 -5.17 -7.75
C GLY A 26 -20.39 -5.91 -7.08
N ASP A 27 -21.39 -5.16 -6.60
CA ASP A 27 -22.53 -5.73 -5.88
C ASP A 27 -23.65 -4.71 -5.79
N SER A 28 -24.87 -5.17 -5.63
CA SER A 28 -26.04 -4.30 -5.49
C SER A 28 -26.42 -4.22 -4.02
N ILE A 29 -26.61 -2.99 -3.51
CA ILE A 29 -27.03 -2.80 -2.11
C ILE A 29 -28.48 -3.18 -1.84
N THR A 30 -29.24 -3.47 -2.92
CA THR A 30 -30.56 -4.10 -2.80
C THR A 30 -30.49 -5.60 -2.45
N SER A 31 -29.28 -6.14 -2.21
CA SER A 31 -29.10 -7.46 -1.63
C SER A 31 -28.12 -7.40 -0.46
N GLY A 32 -28.40 -8.17 0.60
CA GLY A 32 -27.52 -8.24 1.76
C GLY A 32 -27.73 -7.14 2.78
N TYR A 33 -26.71 -6.95 3.62
CA TYR A 33 -26.74 -6.03 4.74
C TYR A 33 -25.55 -5.11 4.68
N TRP A 34 -25.80 -3.83 4.92
CA TRP A 34 -24.82 -2.78 4.66
C TRP A 34 -24.63 -1.99 5.94
N ASN A 35 -23.42 -2.10 6.49
CA ASN A 35 -23.14 -1.77 7.88
C ASN A 35 -22.18 -0.61 8.04
N TRP A 36 -22.26 0.04 9.20
CA TRP A 36 -21.27 1.02 9.64
C TRP A 36 -20.68 0.52 10.95
N ILE A 37 -19.36 0.55 11.04
CA ILE A 37 -18.59 0.12 12.20
C ILE A 37 -17.49 1.15 12.44
N ARG A 38 -17.20 1.45 13.70
CA ARG A 38 -16.12 2.37 14.02
C ARG A 38 -15.13 1.81 15.03
N LYS A 39 -13.88 2.25 14.89
CA LYS A 39 -12.81 1.87 15.78
C LYS A 39 -12.29 3.10 16.50
N PHE A 40 -12.39 3.10 17.83
CA PHE A 40 -11.89 4.20 18.63
C PHE A 40 -10.37 4.10 18.78
N PRO A 41 -9.71 5.21 19.17
CA PRO A 41 -8.33 5.09 19.61
C PRO A 41 -8.26 4.17 20.82
N GLY A 42 -7.32 3.24 20.82
CA GLY A 42 -7.29 2.14 21.80
C GLY A 42 -7.71 0.80 21.20
N ASN A 43 -8.26 0.84 19.98
CA ASN A 43 -8.68 -0.35 19.21
C ASN A 43 -9.95 -1.05 19.73
N LYS A 44 -10.86 -0.30 20.31
CA LYS A 44 -12.20 -0.80 20.62
C LYS A 44 -13.08 -0.65 19.38
N LEU A 45 -13.79 -1.71 19.00
CA LEU A 45 -14.74 -1.66 17.87
C LEU A 45 -16.17 -1.53 18.36
N GLU A 46 -16.93 -0.63 17.72
CA GLU A 46 -18.35 -0.45 17.99
C GLU A 46 -19.13 -0.69 16.70
N TYR A 47 -20.08 -1.62 16.76
CA TYR A 47 -21.04 -1.83 15.71
C TYR A 47 -22.11 -0.71 15.81
N MET A 48 -22.31 0.04 14.72
CA MET A 48 -23.22 1.18 14.73
C MET A 48 -24.60 0.84 14.21
N GLY A 49 -24.65 0.16 13.07
CA GLY A 49 -25.94 -0.24 12.52
C GLY A 49 -25.86 -0.66 11.06
N TYR A 50 -27.02 -0.96 10.50
CA TYR A 50 -27.12 -1.34 9.10
C TYR A 50 -28.35 -0.74 8.44
N ILE A 51 -28.30 -0.78 7.11
CA ILE A 51 -29.48 -0.67 6.28
C ILE A 51 -29.47 -1.95 5.44
N SER A 52 -30.63 -2.61 5.37
CA SER A 52 -30.74 -3.91 4.71
C SER A 52 -31.06 -3.75 3.24
N TYR A 53 -31.02 -4.89 2.54
CA TYR A 53 -31.47 -5.04 1.15
C TYR A 53 -32.81 -4.37 0.83
N SER A 54 -33.77 -4.46 1.77
CA SER A 54 -35.10 -3.89 1.60
C SER A 54 -35.21 -2.41 1.96
N GLY A 55 -34.19 -1.86 2.62
CA GLY A 55 -34.21 -0.49 3.13
C GLY A 55 -34.57 -0.37 4.60
N THR A 56 -34.83 -1.49 5.27
CA THR A 56 -35.10 -1.48 6.70
C THR A 56 -33.77 -1.29 7.41
N THR A 57 -33.78 -0.58 8.53
CA THR A 57 -32.56 -0.30 9.28
C THR A 57 -32.58 -0.88 10.68
N TYR A 58 -31.37 -1.02 11.24
CA TYR A 58 -31.18 -1.33 12.65
C TYR A 58 -30.07 -0.43 13.18
N TYR A 59 -30.29 0.10 14.39
CA TYR A 59 -29.34 0.99 15.05
C TYR A 59 -28.98 0.45 16.42
N ASN A 60 -27.71 0.59 16.79
CA ASN A 60 -27.27 0.26 18.13
C ASN A 60 -27.91 1.24 19.12
N PRO A 61 -28.58 0.74 20.20
CA PRO A 61 -29.18 1.62 21.22
C PRO A 61 -28.28 2.71 21.80
N SER A 62 -26.97 2.45 21.92
CA SER A 62 -26.01 3.46 22.37
C SER A 62 -25.97 4.72 21.46
N LEU A 63 -26.28 4.53 20.18
CA LEU A 63 -26.29 5.59 19.16
C LEU A 63 -27.67 5.92 18.57
N LYS A 64 -28.69 5.15 18.94
CA LYS A 64 -30.06 5.22 18.40
C LYS A 64 -30.68 6.63 18.34
N SER A 65 -30.35 7.47 19.31
CA SER A 65 -30.84 8.86 19.34
C SER A 65 -30.24 9.77 18.26
N ARG A 66 -29.00 9.50 17.86
CA ARG A 66 -28.23 10.43 17.01
C ARG A 66 -27.90 9.91 15.63
N ILE A 67 -28.28 8.67 15.32
CA ILE A 67 -27.83 7.99 14.10
C ILE A 67 -28.93 7.89 13.06
N SER A 68 -28.54 8.02 11.81
CA SER A 68 -29.42 7.75 10.69
C SER A 68 -28.61 7.09 9.58
N ILE A 69 -29.10 5.94 9.11
CA ILE A 69 -28.50 5.26 7.95
C ILE A 69 -29.52 5.30 6.82
N THR A 70 -29.10 5.89 5.70
CA THR A 70 -29.95 6.05 4.52
C THR A 70 -29.24 5.48 3.31
N ARG A 71 -29.93 5.45 2.17
CA ARG A 71 -29.34 4.94 0.94
C ARG A 71 -29.90 5.62 -0.32
N ASP A 72 -29.16 5.45 -1.40
CA ASP A 72 -29.61 5.83 -2.74
C ASP A 72 -29.23 4.67 -3.64
N THR A 73 -30.22 3.84 -3.98
CA THR A 73 -29.99 2.66 -4.81
C THR A 73 -29.59 3.03 -6.23
N SER A 74 -30.05 4.18 -6.73
CA SER A 74 -29.66 4.65 -8.05
C SER A 74 -28.16 4.92 -8.18
N LYS A 75 -27.49 5.20 -7.06
CA LYS A 75 -26.04 5.40 -7.04
C LYS A 75 -25.27 4.24 -6.39
N ASN A 76 -25.99 3.27 -5.83
CA ASN A 76 -25.38 2.17 -5.07
C ASN A 76 -24.52 2.71 -3.92
N GLN A 77 -25.06 3.72 -3.22
CA GLN A 77 -24.44 4.33 -2.04
C GLN A 77 -25.37 4.21 -0.86
N TYR A 78 -24.78 4.11 0.34
CA TYR A 78 -25.49 4.29 1.59
C TYR A 78 -24.71 5.26 2.51
N TYR A 79 -25.42 5.85 3.46
CA TYR A 79 -24.94 7.03 4.17
C TYR A 79 -25.08 6.87 5.66
N LEU A 80 -24.14 7.47 6.39
CA LEU A 80 -24.19 7.56 7.83
C LEU A 80 -24.33 9.00 8.23
N GLN A 81 -25.32 9.30 9.05
CA GLN A 81 -25.44 10.60 9.68
C GLN A 81 -25.36 10.41 11.18
N LEU A 82 -24.46 11.15 11.82
CA LEU A 82 -24.28 11.14 13.27
C LEU A 82 -24.38 12.56 13.79
N ASN A 83 -25.47 12.86 14.49
CA ASN A 83 -25.69 14.21 15.04
C ASN A 83 -24.90 14.46 16.31
N SER A 84 -24.65 15.75 16.57
CA SER A 84 -24.24 16.23 17.89
C SER A 84 -22.95 15.56 18.37
N VAL A 85 -21.93 15.60 17.53
CA VAL A 85 -20.67 14.90 17.80
C VAL A 85 -19.87 15.55 18.93
N THR A 86 -19.17 14.72 19.70
CA THR A 86 -18.25 15.17 20.73
C THR A 86 -16.85 14.68 20.38
N THR A 87 -15.86 15.05 21.19
CA THR A 87 -14.50 14.50 21.05
C THR A 87 -14.43 12.96 21.20
N GLU A 88 -15.46 12.33 21.75
CA GLU A 88 -15.52 10.88 21.86
C GLU A 88 -16.07 10.16 20.62
N ASP A 89 -16.48 10.92 19.60
CA ASP A 89 -16.78 10.35 18.28
C ASP A 89 -15.58 10.32 17.34
N THR A 90 -14.42 10.81 17.81
CA THR A 90 -13.16 10.68 17.09
C THR A 90 -12.82 9.19 16.94
N ALA A 91 -12.71 8.72 15.70
CA ALA A 91 -12.55 7.30 15.40
C ALA A 91 -12.24 7.10 13.93
N THR A 92 -11.90 5.87 13.57
CA THR A 92 -11.89 5.44 12.18
C THR A 92 -13.24 4.79 11.90
N TYR A 93 -13.88 5.26 10.83
CA TYR A 93 -15.21 4.79 10.44
C TYR A 93 -15.08 3.87 9.24
N TYR A 94 -15.69 2.69 9.34
CA TYR A 94 -15.66 1.67 8.31
C TYR A 94 -17.08 1.37 7.83
N CYS A 95 -17.26 1.25 6.51
CA CYS A 95 -18.44 0.58 5.97
C CYS A 95 -18.06 -0.87 5.69
N ALA A 96 -19.04 -1.77 5.80
CA ALA A 96 -18.81 -3.19 5.60
C ALA A 96 -20.08 -3.92 5.17
N ARG A 97 -19.94 -4.84 4.22
CA ARG A 97 -21.03 -5.72 3.84
C ARG A 97 -21.03 -6.89 4.80
N ALA A 98 -22.23 -7.33 5.18
CA ALA A 98 -22.43 -8.59 5.88
C ALA A 98 -23.18 -9.56 4.99
N ARG A 99 -22.72 -10.81 4.98
CA ARG A 99 -23.35 -11.90 4.25
C ARG A 99 -24.07 -12.74 5.29
N TYR A 100 -25.37 -12.96 5.10
CA TYR A 100 -26.18 -13.64 6.11
C TYR A 100 -25.62 -15.02 6.48
N GLY A 101 -25.34 -15.19 7.77
CA GLY A 101 -24.80 -16.43 8.30
C GLY A 101 -23.30 -16.44 8.46
N TYR A 102 -22.60 -15.52 7.78
CA TYR A 102 -21.14 -15.51 7.73
C TYR A 102 -20.54 -14.37 8.56
N GLY A 103 -20.90 -13.14 8.23
CA GLY A 103 -20.32 -11.96 8.90
C GLY A 103 -19.89 -10.91 7.93
N PHE A 104 -19.02 -10.00 8.40
CA PHE A 104 -18.57 -8.87 7.62
C PHE A 104 -17.46 -9.31 6.68
N ASP A 105 -17.84 -9.64 5.44
CA ASP A 105 -16.92 -10.25 4.48
C ASP A 105 -16.12 -9.25 3.65
N TYR A 106 -16.71 -8.09 3.35
CA TYR A 106 -16.00 -7.06 2.61
C TYR A 106 -16.10 -5.73 3.37
N TRP A 107 -14.95 -5.09 3.55
CA TRP A 107 -14.82 -3.84 4.31
C TRP A 107 -14.23 -2.78 3.41
N GLY A 108 -14.59 -1.53 3.65
CA GLY A 108 -13.85 -0.40 3.07
C GLY A 108 -12.52 -0.23 3.80
N GLN A 109 -11.71 0.71 3.28
CA GLN A 109 -10.39 1.00 3.83
C GLN A 109 -10.47 1.80 5.14
N GLY A 110 -11.67 2.27 5.50
CA GLY A 110 -11.86 3.11 6.69
C GLY A 110 -11.56 4.56 6.42
N THR A 111 -12.20 5.47 7.16
CA THR A 111 -11.88 6.90 7.10
C THR A 111 -11.66 7.51 8.51
N THR A 112 -10.50 8.11 8.72
CA THR A 112 -10.17 8.74 10.01
C THR A 112 -10.95 10.05 10.19
N LEU A 113 -11.75 10.11 11.26
CA LEU A 113 -12.47 11.34 11.64
C LEU A 113 -11.96 11.87 12.97
N THR A 114 -11.57 13.15 12.99
CA THR A 114 -11.20 13.88 14.21
C THR A 114 -12.28 14.90 14.53
N VAL A 115 -12.74 14.92 15.78
CA VAL A 115 -13.65 15.95 16.25
C VAL A 115 -12.84 16.96 17.06
N SER A 116 -12.91 18.22 16.65
CA SER A 116 -12.06 19.28 17.19
C SER A 116 -12.58 20.64 16.76
N SER A 117 -12.65 21.57 17.71
CA SER A 117 -12.99 22.96 17.42
C SER A 117 -11.77 23.78 16.95
N ALA A 118 -10.57 23.17 16.96
CA ALA A 118 -9.32 23.88 16.61
C ALA A 118 -9.23 24.18 15.11
N SER A 119 -8.56 25.28 14.80
CA SER A 119 -8.25 25.66 13.42
C SER A 119 -6.88 25.12 13.07
N THR A 120 -6.59 25.07 11.77
CA THR A 120 -5.27 24.71 11.26
C THR A 120 -4.18 25.59 11.91
N LYS A 121 -3.20 24.95 12.54
CA LYS A 121 -2.10 25.64 13.19
C LYS A 121 -0.82 24.83 13.00
N GLY A 122 0.26 25.51 12.62
CA GLY A 122 1.56 24.86 12.44
C GLY A 122 2.27 24.61 13.77
N PRO A 123 3.19 23.64 13.82
CA PRO A 123 3.90 23.27 15.06
C PRO A 123 5.01 24.23 15.44
N SER A 124 5.29 24.32 16.74
CA SER A 124 6.57 24.82 17.24
C SER A 124 7.46 23.61 17.46
N VAL A 125 8.75 23.75 17.15
CA VAL A 125 9.70 22.64 17.25
C VAL A 125 10.78 22.99 18.26
N PHE A 126 10.77 22.32 19.41
CA PHE A 126 11.71 22.58 20.50
C PHE A 126 12.70 21.42 20.67
N PRO A 127 13.98 21.72 20.94
CA PRO A 127 14.98 20.66 21.09
C PRO A 127 14.88 19.91 22.43
N LEU A 128 15.11 18.61 22.37
CA LEU A 128 15.26 17.75 23.55
C LEU A 128 16.74 17.35 23.65
N ALA A 129 17.43 17.88 24.64
CA ALA A 129 18.84 17.57 24.84
C ALA A 129 19.12 17.34 26.31
N PRO A 130 20.00 16.39 26.66
CA PRO A 130 20.26 16.05 28.06
C PRO A 130 20.92 17.18 28.84
N THR A 139 25.45 5.09 25.42
CA THR A 139 24.39 5.55 24.52
C THR A 139 23.75 6.84 25.07
N ALA A 140 23.56 7.83 24.21
CA ALA A 140 22.89 9.09 24.56
C ALA A 140 21.62 9.24 23.73
N ALA A 141 20.67 10.02 24.22
CA ALA A 141 19.43 10.33 23.49
C ALA A 141 19.30 11.84 23.22
N LEU A 142 18.76 12.17 22.05
CA LEU A 142 18.39 13.53 21.67
C LEU A 142 17.02 13.47 21.05
N GLY A 143 16.35 14.61 20.94
CA GLY A 143 15.08 14.64 20.23
C GLY A 143 14.53 16.02 19.92
N CYS A 144 13.30 16.02 19.44
CA CYS A 144 12.54 17.22 19.18
C CYS A 144 11.13 17.06 19.67
N LEU A 145 10.63 18.08 20.34
CA LEU A 145 9.25 18.15 20.79
C LEU A 145 8.54 18.97 19.73
N VAL A 146 7.63 18.33 19.01
CA VAL A 146 6.86 18.97 17.96
C VAL A 146 5.49 19.26 18.56
N LYS A 147 5.24 20.54 18.84
CA LYS A 147 4.19 20.95 19.78
C LYS A 147 3.15 21.93 19.21
N ASP A 148 1.90 21.71 19.59
CA ASP A 148 0.80 22.62 19.32
C ASP A 148 0.46 22.81 17.85
N TYR A 149 0.21 21.70 17.17
CA TYR A 149 -0.18 21.72 15.78
C TYR A 149 -1.56 21.10 15.58
N PHE A 150 -2.15 21.38 14.43
CA PHE A 150 -3.43 20.82 14.06
C PHE A 150 -3.67 21.05 12.57
N PRO A 151 -4.17 20.08 11.81
CA PRO A 151 -4.45 18.70 12.26
C PRO A 151 -3.22 17.79 12.09
N GLU A 152 -3.43 16.49 12.32
CA GLU A 152 -2.47 15.47 11.87
C GLU A 152 -2.50 15.37 10.34
N PRO A 153 -1.44 14.89 9.71
CA PRO A 153 -0.21 14.42 10.34
C PRO A 153 0.92 15.44 10.30
N VAL A 154 1.94 15.17 11.10
CA VAL A 154 3.25 15.77 10.95
C VAL A 154 4.20 14.64 10.57
N THR A 155 5.16 14.90 9.68
CA THR A 155 6.27 13.95 9.44
C THR A 155 7.54 14.53 10.04
N VAL A 156 8.33 13.65 10.65
CA VAL A 156 9.61 14.02 11.25
C VAL A 156 10.69 13.12 10.66
N SER A 157 11.83 13.71 10.30
CA SER A 157 13.02 12.94 9.92
C SER A 157 14.24 13.55 10.58
N TRP A 158 15.38 12.85 10.50
CA TRP A 158 16.64 13.28 11.13
C TRP A 158 17.79 13.37 10.11
N ASN A 159 18.53 14.48 10.18
CA ASN A 159 19.63 14.79 9.26
C ASN A 159 19.23 14.59 7.79
N SER A 160 18.06 15.13 7.43
CA SER A 160 17.47 15.05 6.08
C SER A 160 17.16 13.63 5.59
N GLY A 161 16.79 12.75 6.53
CA GLY A 161 16.54 11.34 6.24
C GLY A 161 17.78 10.46 6.13
N ALA A 162 18.96 11.01 6.41
CA ALA A 162 20.20 10.24 6.43
C ALA A 162 20.28 9.35 7.68
N LEU A 163 19.69 9.81 8.77
CA LEU A 163 19.68 9.07 10.04
C LEU A 163 18.29 8.49 10.33
N THR A 164 18.18 7.17 10.23
CA THR A 164 16.97 6.43 10.61
C THR A 164 17.14 5.44 11.76
N SER A 165 18.37 4.93 11.97
CA SER A 165 18.59 3.90 12.97
C SER A 165 18.64 4.50 14.37
N GLY A 166 17.93 3.86 15.30
CA GLY A 166 17.76 4.38 16.65
C GLY A 166 16.69 5.46 16.81
N VAL A 167 15.92 5.74 15.75
CA VAL A 167 14.88 6.77 15.79
C VAL A 167 13.58 6.15 16.28
N HIS A 168 12.91 6.85 17.17
CA HIS A 168 11.54 6.51 17.57
C HIS A 168 10.74 7.81 17.52
N THR A 169 9.79 7.88 16.59
CA THR A 169 8.86 8.99 16.51
C THR A 169 7.56 8.48 17.10
N PHE A 170 7.10 9.14 18.16
CA PHE A 170 6.01 8.66 18.96
C PHE A 170 4.67 9.05 18.36
N PRO A 171 3.62 8.25 18.62
CA PRO A 171 2.26 8.67 18.29
C PRO A 171 1.92 10.04 18.89
N ALA A 172 1.28 10.89 18.11
CA ALA A 172 0.81 12.19 18.60
C ALA A 172 -0.22 12.00 19.72
N VAL A 173 -0.19 12.93 20.68
CA VAL A 173 -1.22 12.99 21.74
C VAL A 173 -2.00 14.30 21.58
N LEU A 174 -3.31 14.21 21.78
CA LEU A 174 -4.21 15.34 21.68
C LEU A 174 -4.28 16.00 23.06
N GLN A 175 -3.73 17.22 23.16
CA GLN A 175 -3.66 17.93 24.44
C GLN A 175 -5.02 18.50 24.85
N SER A 176 -5.13 18.89 26.12
CA SER A 176 -6.38 19.44 26.67
C SER A 176 -6.80 20.76 26.00
N SER A 177 -5.82 21.49 25.47
CA SER A 177 -6.08 22.65 24.61
C SER A 177 -6.77 22.32 23.27
N GLY A 178 -6.66 21.07 22.80
CA GLY A 178 -7.23 20.63 21.53
C GLY A 178 -6.23 20.59 20.37
N LEU A 179 -4.96 20.86 20.66
CA LEU A 179 -3.88 20.79 19.68
C LEU A 179 -3.04 19.53 19.92
N TYR A 180 -2.39 19.05 18.86
CA TYR A 180 -1.54 17.87 18.97
C TYR A 180 -0.13 18.21 19.41
N SER A 181 0.51 17.21 20.00
CA SER A 181 1.93 17.24 20.33
C SER A 181 2.53 15.85 20.14
N LEU A 182 3.76 15.80 19.68
CA LEU A 182 4.54 14.56 19.71
C LEU A 182 6.01 14.85 19.91
N SER A 183 6.73 13.79 20.26
CA SER A 183 8.18 13.83 20.39
C SER A 183 8.76 12.82 19.43
N SER A 184 9.91 13.16 18.89
CA SER A 184 10.72 12.23 18.10
C SER A 184 12.09 12.26 18.71
N VAL A 185 12.65 11.08 18.99
CA VAL A 185 13.94 10.95 19.64
C VAL A 185 14.83 10.01 18.84
N VAL A 186 16.13 10.14 19.04
CA VAL A 186 17.12 9.27 18.44
C VAL A 186 18.15 8.93 19.49
N THR A 187 18.60 7.66 19.53
CA THR A 187 19.70 7.27 20.40
C THR A 187 20.95 7.08 19.56
N VAL A 188 22.07 7.57 20.06
CA VAL A 188 23.33 7.60 19.31
C VAL A 188 24.46 7.27 20.25
N PRO A 189 25.64 6.92 19.70
CA PRO A 189 26.79 6.75 20.57
C PRO A 189 27.04 8.04 21.35
N SER A 190 27.22 7.91 22.67
CA SER A 190 27.55 9.06 23.52
C SER A 190 28.91 9.71 23.15
N SER A 191 29.80 8.95 22.54
CA SER A 191 31.06 9.49 22.01
C SER A 191 30.86 10.43 20.80
N SER A 192 29.86 10.15 19.98
CA SER A 192 29.56 10.99 18.80
C SER A 192 28.90 12.34 19.12
N LEU A 193 28.50 12.57 20.37
CA LEU A 193 27.83 13.82 20.79
C LEU A 193 28.72 15.07 20.58
N GLY A 194 30.01 14.97 20.95
CA GLY A 194 30.96 16.09 20.82
C GLY A 194 31.55 16.34 19.44
N THR A 195 31.41 15.37 18.53
CA THR A 195 32.00 15.43 17.17
C THR A 195 30.98 15.57 16.02
N LYS A 196 29.75 15.13 16.25
CA LYS A 196 28.71 15.09 15.21
C LYS A 196 27.55 16.02 15.55
N THR A 197 26.73 16.34 14.55
CA THR A 197 25.55 17.21 14.72
C THR A 197 24.26 16.50 14.33
N TYR A 198 23.16 16.91 14.95
CA TYR A 198 21.88 16.24 14.82
C TYR A 198 20.76 17.27 14.65
N THR A 199 20.05 17.17 13.54
CA THR A 199 18.99 18.10 13.19
C THR A 199 17.74 17.28 12.93
N CYS A 200 16.62 17.69 13.53
CA CYS A 200 15.33 17.10 13.20
C CYS A 200 14.65 17.98 12.16
N ASN A 201 13.96 17.34 11.23
CA ASN A 201 13.33 18.02 10.10
C ASN A 201 11.84 17.74 10.17
N VAL A 202 11.06 18.77 10.50
CA VAL A 202 9.63 18.65 10.76
C VAL A 202 8.85 19.25 9.59
N ASP A 203 7.86 18.50 9.09
CA ASP A 203 7.01 18.96 7.99
C ASP A 203 5.55 18.85 8.41
N HIS A 204 4.80 19.93 8.24
CA HIS A 204 3.36 19.96 8.49
C HIS A 204 2.64 20.53 7.27
N LYS A 205 2.36 19.64 6.33
CA LYS A 205 1.72 19.97 5.05
C LYS A 205 0.37 20.71 5.16
N PRO A 206 -0.51 20.33 6.11
CA PRO A 206 -1.79 21.04 6.29
C PRO A 206 -1.69 22.56 6.56
N SER A 207 -0.65 23.00 7.27
CA SER A 207 -0.41 24.43 7.54
C SER A 207 0.76 25.00 6.71
N ASN A 208 1.29 24.22 5.76
CA ASN A 208 2.43 24.61 4.92
C ASN A 208 3.72 24.95 5.69
N THR A 209 3.90 24.34 6.86
CA THR A 209 5.01 24.63 7.77
C THR A 209 6.11 23.58 7.63
N LYS A 210 7.35 24.04 7.47
CA LYS A 210 8.51 23.16 7.39
C LYS A 210 9.63 23.76 8.24
N VAL A 211 10.16 22.99 9.20
CA VAL A 211 11.11 23.49 10.20
C VAL A 211 12.25 22.50 10.40
N ASP A 212 13.47 23.02 10.40
CA ASP A 212 14.68 22.26 10.71
C ASP A 212 15.24 22.80 12.01
N LYS A 213 15.52 21.92 12.98
CA LYS A 213 16.02 22.35 14.29
C LYS A 213 17.25 21.57 14.72
N ARG A 214 18.40 22.25 14.77
CA ARG A 214 19.63 21.70 15.33
C ARG A 214 19.41 21.42 16.81
N VAL A 215 19.80 20.22 17.24
CA VAL A 215 19.66 19.80 18.63
C VAL A 215 21.09 19.88 19.16
N GLU A 216 21.35 20.99 19.83
CA GLU A 216 22.66 21.32 20.38
C GLU A 216 22.63 20.95 21.85
N SER A 217 23.79 20.58 22.38
CA SER A 217 23.88 20.18 23.78
C SER A 217 25.19 20.63 24.42
N LYS A 218 25.23 20.46 25.75
CA LYS A 218 26.44 20.64 26.53
C LYS A 218 27.54 19.68 26.08
N TYR A 219 27.13 18.43 25.79
CA TYR A 219 27.94 17.26 25.31
C TYR A 219 28.10 16.22 26.42
N VAL B 2 -25.00 -10.81 24.94
CA VAL B 2 -25.02 -9.32 24.81
C VAL B 2 -23.65 -8.71 25.17
N LEU B 3 -23.10 -8.92 26.37
CA LEU B 3 -21.71 -8.51 26.63
C LEU B 3 -20.76 -9.64 26.18
N MET B 4 -19.67 -9.27 25.51
CA MET B 4 -18.64 -10.21 25.06
C MET B 4 -17.31 -9.85 25.72
N THR B 5 -16.81 -10.75 26.56
CA THR B 5 -15.57 -10.51 27.30
C THR B 5 -14.43 -11.35 26.71
N GLN B 6 -13.39 -10.68 26.18
CA GLN B 6 -12.18 -11.35 25.64
C GLN B 6 -11.05 -11.35 26.65
N THR B 7 -10.33 -12.47 26.70
CA THR B 7 -9.17 -12.64 27.59
C THR B 7 -8.02 -13.33 26.84
N PRO B 8 -6.78 -12.84 26.90
CA PRO B 8 -6.40 -11.56 27.55
C PRO B 8 -6.55 -10.44 26.54
N LEU B 9 -6.24 -9.21 26.94
CA LEU B 9 -6.26 -8.07 26.01
C LEU B 9 -4.90 -7.84 25.33
N SER B 10 -3.82 -8.22 26.00
CA SER B 10 -2.50 -8.36 25.38
C SER B 10 -2.07 -9.82 25.51
N LEU B 11 -1.74 -10.46 24.39
CA LEU B 11 -1.32 -11.86 24.37
C LEU B 11 0.08 -12.01 23.73
N PRO B 12 1.14 -12.07 24.58
CA PRO B 12 2.47 -12.44 24.09
C PRO B 12 2.49 -13.89 23.59
N VAL B 13 3.21 -14.13 22.50
CA VAL B 13 3.43 -15.46 21.96
C VAL B 13 4.79 -15.49 21.25
N SER B 14 5.42 -16.68 21.18
CA SER B 14 6.58 -16.88 20.32
C SER B 14 6.12 -17.44 18.98
N LEU B 15 6.80 -17.06 17.90
CA LEU B 15 6.51 -17.63 16.58
C LEU B 15 6.71 -19.14 16.60
N GLY B 16 5.76 -19.85 16.00
CA GLY B 16 5.75 -21.32 16.03
C GLY B 16 5.02 -21.93 17.21
N ASP B 17 4.66 -21.13 18.21
CA ASP B 17 3.89 -21.62 19.36
C ASP B 17 2.38 -21.42 19.13
N GLN B 18 1.62 -22.05 20.00
CA GLN B 18 0.17 -21.98 19.99
C GLN B 18 -0.27 -20.72 20.71
N ALA B 19 -1.27 -20.03 20.14
CA ALA B 19 -1.94 -18.93 20.82
C ALA B 19 -3.42 -19.25 20.98
N SER B 20 -3.96 -18.93 22.15
CA SER B 20 -5.36 -19.16 22.46
C SER B 20 -6.01 -17.86 22.99
N ILE B 21 -7.17 -17.51 22.42
CA ILE B 21 -7.92 -16.31 22.81
C ILE B 21 -9.32 -16.73 23.23
N SER B 22 -9.72 -16.33 24.42
CA SER B 22 -10.98 -16.72 25.03
C SER B 22 -11.99 -15.58 24.87
N CYS B 23 -13.24 -15.95 24.61
CA CYS B 23 -14.32 -15.01 24.51
C CYS B 23 -15.54 -15.60 25.24
N ARG B 24 -16.00 -14.92 26.29
CA ARG B 24 -17.16 -15.33 27.07
C ARG B 24 -18.32 -14.39 26.80
N SER B 25 -19.48 -14.93 26.45
CA SER B 25 -20.71 -14.15 26.31
C SER B 25 -21.49 -14.15 27.62
N SER B 26 -22.13 -13.03 27.93
CA SER B 26 -22.89 -12.85 29.17
C SER B 26 -24.21 -13.62 29.20
N GLN B 27 -24.68 -14.08 28.03
CA GLN B 27 -25.80 -15.01 27.92
C GLN B 27 -25.57 -15.91 26.70
N SER B 28 -26.45 -16.90 26.53
CA SER B 28 -26.39 -17.80 25.35
C SER B 28 -26.77 -17.09 24.04
N THR B 36 -25.95 -20.25 15.93
CA THR B 36 -25.11 -19.42 16.78
C THR B 36 -24.11 -18.65 15.90
N TYR B 37 -24.33 -17.34 15.77
CA TYR B 37 -23.54 -16.48 14.90
C TYR B 37 -22.43 -15.80 15.68
N LEU B 38 -21.40 -16.58 16.00
CA LEU B 38 -20.20 -16.09 16.63
C LEU B 38 -19.05 -16.14 15.64
N GLU B 39 -18.42 -14.99 15.46
CA GLU B 39 -17.38 -14.80 14.47
C GLU B 39 -16.11 -14.28 15.13
N TRP B 40 -14.98 -14.51 14.45
CA TRP B 40 -13.70 -13.96 14.84
C TRP B 40 -13.16 -13.15 13.69
N TYR B 41 -12.62 -11.97 14.01
CA TYR B 41 -11.99 -11.09 13.03
C TYR B 41 -10.54 -10.79 13.44
N LEU B 42 -9.71 -10.51 12.45
CA LEU B 42 -8.34 -10.05 12.65
C LEU B 42 -8.18 -8.71 11.95
N GLN B 43 -7.67 -7.71 12.67
CA GLN B 43 -7.18 -6.48 12.06
C GLN B 43 -5.66 -6.42 12.17
N LYS B 44 -4.98 -6.57 11.04
CA LYS B 44 -3.52 -6.43 11.00
C LYS B 44 -3.24 -4.94 10.85
N PRO B 45 -2.06 -4.47 11.29
CA PRO B 45 -1.65 -3.07 11.10
C PRO B 45 -1.78 -2.60 9.65
N GLY B 46 -2.29 -1.39 9.44
CA GLY B 46 -2.43 -0.81 8.12
C GLY B 46 -3.47 -1.42 7.20
N GLN B 47 -4.43 -2.17 7.75
CA GLN B 47 -5.52 -2.70 6.92
C GLN B 47 -6.80 -2.82 7.74
N SER B 48 -7.90 -3.07 7.04
CA SER B 48 -9.22 -3.26 7.65
C SER B 48 -9.35 -4.63 8.32
N PRO B 49 -10.30 -4.78 9.27
CA PRO B 49 -10.59 -6.09 9.84
C PRO B 49 -11.00 -7.13 8.80
N LYS B 50 -10.70 -8.39 9.08
CA LYS B 50 -10.88 -9.49 8.13
C LYS B 50 -11.56 -10.66 8.85
N LEU B 51 -12.55 -11.27 8.21
CA LEU B 51 -13.31 -12.39 8.78
C LEU B 51 -12.48 -13.68 8.76
N LEU B 52 -12.32 -14.29 9.93
CA LEU B 52 -11.60 -15.57 10.08
C LEU B 52 -12.52 -16.76 10.28
N ILE B 53 -13.40 -16.67 11.26
CA ILE B 53 -14.25 -17.77 11.68
C ILE B 53 -15.70 -17.30 11.67
N TYR B 54 -16.61 -18.16 11.21
CA TYR B 54 -18.08 -17.91 11.27
C TYR B 54 -18.80 -19.11 11.87
N LYS B 55 -20.02 -18.88 12.36
CA LYS B 55 -20.80 -19.90 13.05
C LYS B 55 -19.96 -20.72 14.04
N VAL B 56 -19.28 -20.01 14.93
CA VAL B 56 -18.45 -20.62 16.00
C VAL B 56 -17.17 -21.30 15.51
N SER B 57 -17.29 -22.29 14.62
CA SER B 57 -16.18 -23.20 14.33
C SER B 57 -15.80 -23.34 12.84
N ASN B 58 -16.40 -22.53 11.97
CA ASN B 58 -16.18 -22.67 10.53
C ASN B 58 -15.21 -21.64 10.03
N ARG B 59 -14.18 -22.12 9.35
CA ARG B 59 -13.15 -21.29 8.74
C ARG B 59 -13.70 -20.61 7.49
N PHE B 60 -13.49 -19.30 7.38
CA PHE B 60 -13.89 -18.55 6.19
C PHE B 60 -12.91 -18.80 5.05
N SER B 61 -13.33 -18.46 3.83
CA SER B 61 -12.47 -18.63 2.63
C SER B 61 -11.17 -17.84 2.72
N GLY B 62 -10.08 -18.45 2.25
CA GLY B 62 -8.75 -17.87 2.33
C GLY B 62 -8.07 -17.91 3.69
N VAL B 63 -8.72 -18.47 4.71
CA VAL B 63 -8.18 -18.46 6.08
C VAL B 63 -7.40 -19.75 6.27
N PRO B 64 -6.12 -19.67 6.73
CA PRO B 64 -5.33 -20.90 6.94
C PRO B 64 -5.90 -21.84 8.01
N ASP B 65 -5.63 -23.14 7.84
CA ASP B 65 -6.13 -24.18 8.76
C ASP B 65 -5.50 -24.18 10.17
N ARG B 66 -4.42 -23.42 10.35
CA ARG B 66 -3.90 -23.16 11.71
C ARG B 66 -4.87 -22.33 12.58
N PHE B 67 -5.84 -21.65 11.96
CA PHE B 67 -6.96 -20.99 12.66
C PHE B 67 -8.12 -21.97 12.86
N SER B 68 -8.55 -22.14 14.11
CA SER B 68 -9.76 -22.87 14.41
C SER B 68 -10.52 -22.24 15.57
N GLY B 69 -11.84 -22.23 15.43
CA GLY B 69 -12.75 -21.75 16.46
C GLY B 69 -13.45 -22.93 17.10
N SER B 70 -13.77 -22.80 18.37
CA SER B 70 -14.62 -23.78 19.04
C SER B 70 -15.35 -23.11 20.18
N GLY B 71 -16.25 -23.84 20.80
CA GLY B 71 -16.91 -23.29 21.96
C GLY B 71 -18.12 -24.04 22.45
N SER B 72 -18.26 -24.03 23.77
CA SER B 72 -19.39 -24.62 24.45
C SER B 72 -20.47 -23.53 24.47
N GLY B 73 -21.46 -23.69 25.35
CA GLY B 73 -22.38 -22.59 25.72
C GLY B 73 -21.65 -21.49 26.47
N THR B 74 -21.81 -20.27 25.99
CA THR B 74 -21.19 -19.04 26.49
C THR B 74 -19.66 -18.93 26.44
N ASP B 75 -18.93 -20.03 26.24
CA ASP B 75 -17.47 -19.96 26.23
C ASP B 75 -16.96 -20.31 24.82
N PHE B 76 -16.26 -19.38 24.19
CA PHE B 76 -15.75 -19.55 22.82
C PHE B 76 -14.25 -19.29 22.78
N THR B 77 -13.55 -20.03 21.93
CA THR B 77 -12.09 -19.97 21.87
C THR B 77 -11.63 -19.96 20.43
N LEU B 78 -10.69 -19.07 20.11
CA LEU B 78 -9.95 -19.10 18.85
C LEU B 78 -8.55 -19.63 19.14
N LYS B 79 -8.13 -20.64 18.40
CA LYS B 79 -6.78 -21.20 18.50
C LYS B 79 -6.01 -20.93 17.22
N ILE B 80 -4.78 -20.47 17.39
CA ILE B 80 -3.81 -20.34 16.30
C ILE B 80 -2.67 -21.29 16.62
N SER B 81 -2.55 -22.38 15.86
CA SER B 81 -1.77 -23.53 16.32
C SER B 81 -0.26 -23.40 16.18
N ARG B 82 0.19 -22.61 15.21
CA ARG B 82 1.62 -22.36 14.98
C ARG B 82 1.75 -20.93 14.47
N VAL B 83 1.80 -19.98 15.39
CA VAL B 83 1.74 -18.55 15.05
C VAL B 83 2.84 -18.14 14.06
N GLU B 84 2.44 -17.45 12.99
CA GLU B 84 3.37 -16.79 12.07
C GLU B 84 3.33 -15.27 12.27
N ALA B 85 4.37 -14.59 11.81
CA ALA B 85 4.45 -13.11 11.89
C ALA B 85 3.25 -12.40 11.24
N GLU B 86 2.73 -12.96 10.15
CA GLU B 86 1.52 -12.43 9.49
C GLU B 86 0.24 -12.50 10.33
N ASP B 87 0.25 -13.35 11.37
CA ASP B 87 -0.87 -13.47 12.30
C ASP B 87 -0.89 -12.36 13.38
N LEU B 88 0.15 -11.55 13.48
CA LEU B 88 0.22 -10.48 14.48
C LEU B 88 -0.73 -9.34 14.14
N GLY B 89 -1.48 -8.90 15.13
CA GLY B 89 -2.54 -7.91 14.95
C GLY B 89 -3.52 -8.01 16.10
N VAL B 90 -4.72 -7.46 15.90
CA VAL B 90 -5.72 -7.42 16.95
C VAL B 90 -6.85 -8.36 16.54
N TYR B 91 -7.21 -9.27 17.45
CA TYR B 91 -8.28 -10.23 17.23
C TYR B 91 -9.55 -9.82 17.98
N TYR B 92 -10.71 -9.94 17.33
CA TYR B 92 -12.01 -9.65 17.96
C TYR B 92 -13.01 -10.77 17.79
N CYS B 93 -13.65 -11.18 18.88
CA CYS B 93 -14.85 -11.99 18.78
C CYS B 93 -16.04 -11.06 18.53
N PHE B 94 -17.09 -11.63 17.97
CA PHE B 94 -18.28 -10.86 17.59
C PHE B 94 -19.49 -11.78 17.65
N GLN B 95 -20.60 -11.29 18.19
CA GLN B 95 -21.86 -12.04 18.15
C GLN B 95 -22.88 -11.25 17.35
N GLY B 96 -23.52 -11.95 16.41
CA GLY B 96 -24.58 -11.39 15.58
C GLY B 96 -25.89 -12.12 15.71
N SER B 97 -26.07 -12.84 16.81
CA SER B 97 -27.32 -13.59 17.05
C SER B 97 -28.40 -12.72 17.68
N HIS B 98 -28.00 -11.86 18.62
CA HIS B 98 -28.95 -11.00 19.34
C HIS B 98 -28.56 -9.53 19.20
N VAL B 99 -29.58 -8.69 19.08
CA VAL B 99 -29.39 -7.24 19.08
C VAL B 99 -29.21 -6.75 20.54
N PRO B 100 -28.28 -5.83 20.83
CA PRO B 100 -27.37 -5.24 19.84
C PRO B 100 -26.20 -6.15 19.49
N LEU B 101 -25.68 -6.01 18.28
CA LEU B 101 -24.55 -6.82 17.83
C LEU B 101 -23.32 -6.23 18.47
N THR B 102 -22.46 -7.09 19.03
CA THR B 102 -21.36 -6.62 19.89
C THR B 102 -20.06 -7.33 19.58
N PHE B 103 -18.98 -6.55 19.58
CA PHE B 103 -17.60 -7.05 19.53
C PHE B 103 -17.04 -7.18 20.93
N GLY B 104 -16.13 -8.12 21.13
CA GLY B 104 -15.27 -8.12 22.31
C GLY B 104 -14.26 -7.00 22.17
N ALA B 105 -13.57 -6.69 23.27
CA ALA B 105 -12.67 -5.52 23.37
C ALA B 105 -11.43 -5.60 22.48
N GLY B 106 -10.97 -6.79 22.14
CA GLY B 106 -9.87 -6.96 21.21
C GLY B 106 -8.64 -7.45 21.94
N THR B 107 -7.99 -8.45 21.37
CA THR B 107 -6.80 -9.04 21.93
C THR B 107 -5.66 -8.76 20.98
N LYS B 108 -4.66 -8.03 21.45
CA LYS B 108 -3.48 -7.77 20.62
C LYS B 108 -2.43 -8.86 20.78
N LEU B 109 -2.16 -9.57 19.69
CA LEU B 109 -1.13 -10.59 19.64
C LEU B 109 0.21 -9.93 19.37
N GLU B 110 1.17 -10.09 20.29
CA GLU B 110 2.52 -9.51 20.19
C GLU B 110 3.59 -10.59 20.46
N LEU B 111 4.84 -10.26 20.20
CA LEU B 111 5.94 -11.24 20.29
C LEU B 111 6.62 -11.22 21.66
N LYS B 112 6.81 -12.42 22.22
CA LYS B 112 7.60 -12.61 23.43
C LYS B 112 9.07 -12.37 23.13
N ARG B 113 9.77 -11.79 24.11
CA ARG B 113 11.23 -11.77 24.13
C ARG B 113 11.64 -11.69 25.59
N THR B 114 12.94 -11.68 25.85
CA THR B 114 13.43 -11.56 27.22
C THR B 114 13.10 -10.20 27.80
N VAL B 115 12.92 -10.16 29.10
CA VAL B 115 12.77 -8.89 29.81
C VAL B 115 13.95 -7.97 29.51
N ALA B 116 13.65 -6.72 29.19
CA ALA B 116 14.68 -5.69 28.92
C ALA B 116 14.29 -4.42 29.64
N ALA B 117 15.17 -3.99 30.54
CA ALA B 117 14.95 -2.77 31.32
C ALA B 117 15.06 -1.56 30.41
N PRO B 118 14.18 -0.56 30.59
CA PRO B 118 14.33 0.69 29.80
C PRO B 118 15.61 1.44 30.13
N SER B 119 16.20 2.07 29.11
CA SER B 119 17.18 3.13 29.33
C SER B 119 16.37 4.38 29.52
N VAL B 120 16.62 5.09 30.61
CA VAL B 120 15.78 6.23 30.97
C VAL B 120 16.53 7.53 30.74
N PHE B 121 15.88 8.49 30.09
CA PHE B 121 16.45 9.79 29.86
C PHE B 121 15.43 10.88 30.19
N ILE B 122 15.90 11.96 30.81
CA ILE B 122 15.08 13.14 31.09
C ILE B 122 15.60 14.36 30.29
N PHE B 123 14.66 15.17 29.80
CA PHE B 123 14.97 16.31 28.95
C PHE B 123 14.31 17.54 29.53
N PRO B 124 15.10 18.57 29.88
CA PRO B 124 14.49 19.80 30.39
C PRO B 124 13.86 20.63 29.27
N PRO B 125 12.94 21.55 29.62
CA PRO B 125 12.41 22.46 28.60
C PRO B 125 13.53 23.33 28.00
N SER B 126 13.41 23.62 26.71
CA SER B 126 14.40 24.44 26.02
C SER B 126 14.18 25.92 26.37
N ASP B 127 15.22 26.71 26.18
CA ASP B 127 15.10 28.17 26.33
C ASP B 127 14.13 28.76 25.29
N GLU B 128 14.14 28.21 24.07
CA GLU B 128 13.19 28.61 23.02
C GLU B 128 11.73 28.47 23.47
N GLN B 129 11.39 27.35 24.11
CA GLN B 129 10.03 27.12 24.59
C GLN B 129 9.64 28.02 25.77
N LEU B 130 10.58 28.22 26.70
CA LEU B 130 10.30 28.97 27.92
C LEU B 130 9.89 30.42 27.62
N LYS B 131 10.49 31.02 26.60
CA LYS B 131 10.12 32.37 26.17
C LYS B 131 8.66 32.51 25.67
N SER B 132 7.98 31.41 25.32
CA SER B 132 6.55 31.49 24.98
C SER B 132 5.57 31.03 26.08
N GLY B 133 6.02 31.05 27.34
CA GLY B 133 5.12 30.89 28.48
C GLY B 133 4.58 29.49 28.73
N THR B 134 5.23 28.48 28.14
CA THR B 134 4.90 27.07 28.38
C THR B 134 6.20 26.31 28.68
N ALA B 135 6.10 25.28 29.53
CA ALA B 135 7.23 24.45 29.90
C ALA B 135 6.85 22.97 29.79
N SER B 136 7.55 22.25 28.93
CA SER B 136 7.35 20.81 28.74
C SER B 136 8.61 20.07 29.15
N VAL B 137 8.45 19.12 30.07
CA VAL B 137 9.54 18.24 30.51
C VAL B 137 9.24 16.83 29.97
N VAL B 138 10.25 16.20 29.38
CA VAL B 138 10.07 14.93 28.65
C VAL B 138 10.96 13.85 29.27
N CYS B 139 10.33 12.73 29.61
CA CYS B 139 11.00 11.52 30.09
C CYS B 139 10.88 10.46 28.99
N LEU B 140 12.02 9.91 28.55
CA LEU B 140 12.08 8.82 27.57
C LEU B 140 12.43 7.50 28.26
N LEU B 141 11.63 6.48 27.98
CA LEU B 141 11.93 5.10 28.36
C LEU B 141 12.24 4.37 27.07
N ASN B 142 13.50 3.98 26.89
CA ASN B 142 13.94 3.43 25.62
C ASN B 142 14.18 1.92 25.60
N ASN B 143 13.61 1.27 24.59
CA ASN B 143 13.91 -0.11 24.21
C ASN B 143 13.72 -1.12 25.34
N PHE B 144 12.49 -1.21 25.84
CA PHE B 144 12.16 -2.11 26.95
C PHE B 144 11.15 -3.20 26.60
N TYR B 145 11.04 -4.19 27.48
CA TYR B 145 10.08 -5.28 27.34
C TYR B 145 9.90 -5.95 28.71
N PRO B 146 8.66 -6.22 29.17
CA PRO B 146 7.41 -6.03 28.41
C PRO B 146 6.89 -4.59 28.38
N ARG B 147 5.79 -4.40 27.68
CA ARG B 147 5.15 -3.09 27.48
C ARG B 147 4.80 -2.38 28.81
N GLU B 148 4.47 -3.16 29.83
CA GLU B 148 3.98 -2.61 31.09
C GLU B 148 5.08 -1.82 31.81
N ALA B 149 4.85 -0.52 31.99
CA ALA B 149 5.80 0.36 32.66
C ALA B 149 5.05 1.50 33.32
N LYS B 150 5.48 1.86 34.53
CA LYS B 150 4.91 2.98 35.26
C LYS B 150 5.93 4.12 35.31
N VAL B 151 5.49 5.32 34.95
CA VAL B 151 6.31 6.54 35.03
C VAL B 151 5.61 7.51 35.97
N GLN B 152 6.36 8.00 36.96
CA GLN B 152 5.85 8.95 37.94
C GLN B 152 6.72 10.21 37.90
N TRP B 153 6.08 11.36 37.74
CA TRP B 153 6.75 12.65 37.84
C TRP B 153 6.78 13.15 39.29
N LYS B 154 7.95 13.60 39.71
CA LYS B 154 8.15 14.22 41.02
C LYS B 154 8.75 15.61 40.83
N VAL B 155 8.12 16.62 41.43
CA VAL B 155 8.62 18.00 41.38
C VAL B 155 8.91 18.44 42.82
N ASP B 156 10.19 18.58 43.16
CA ASP B 156 10.66 18.74 44.55
C ASP B 156 10.05 17.66 45.46
N ASN B 157 10.14 16.41 45.00
CA ASN B 157 9.62 15.22 45.69
C ASN B 157 8.08 15.16 45.89
N ALA B 158 7.34 16.03 45.20
CA ALA B 158 5.88 16.02 45.22
C ALA B 158 5.36 15.26 43.98
N LEU B 159 4.67 14.15 44.23
CA LEU B 159 4.14 13.30 43.18
C LEU B 159 3.13 14.07 42.34
N GLN B 160 3.30 14.02 41.01
CA GLN B 160 2.43 14.75 40.09
C GLN B 160 1.36 13.84 39.50
N SER B 161 0.23 14.42 39.12
CA SER B 161 -0.75 13.68 38.32
C SER B 161 -1.69 14.60 37.56
N GLY B 162 -2.31 14.04 36.54
CA GLY B 162 -3.24 14.77 35.68
C GLY B 162 -2.62 15.75 34.69
N ASN B 163 -1.29 15.95 34.76
CA ASN B 163 -0.60 16.96 33.95
C ASN B 163 0.54 16.36 33.10
N SER B 164 0.49 15.04 32.91
CA SER B 164 1.46 14.33 32.08
C SER B 164 0.72 13.48 31.09
N GLN B 165 1.34 13.25 29.93
CA GLN B 165 0.75 12.40 28.90
C GLN B 165 1.78 11.45 28.38
N GLU B 166 1.37 10.22 28.12
CA GLU B 166 2.25 9.17 27.64
C GLU B 166 1.90 8.79 26.21
N SER B 167 2.94 8.44 25.47
CA SER B 167 2.81 7.89 24.14
C SER B 167 3.78 6.72 24.06
N VAL B 168 3.36 5.63 23.40
CA VAL B 168 4.15 4.40 23.31
C VAL B 168 4.25 3.97 21.85
N THR B 169 5.44 3.54 21.42
CA THR B 169 5.63 3.03 20.07
C THR B 169 5.02 1.63 19.96
N GLU B 170 4.77 1.18 18.73
CA GLU B 170 4.41 -0.21 18.49
C GLU B 170 5.64 -1.10 18.70
N GLN B 171 5.43 -2.39 18.88
CA GLN B 171 6.57 -3.28 19.11
C GLN B 171 7.56 -3.21 17.93
N ASP B 172 8.85 -3.06 18.24
CA ASP B 172 9.89 -2.93 17.22
C ASP B 172 10.03 -4.24 16.45
N SER B 173 10.06 -4.15 15.12
CA SER B 173 10.12 -5.37 14.29
C SER B 173 11.47 -6.08 14.31
N LYS B 174 12.55 -5.37 14.68
CA LYS B 174 13.90 -5.97 14.75
C LYS B 174 14.20 -6.60 16.12
N ASP B 175 14.00 -5.84 17.19
CA ASP B 175 14.37 -6.28 18.55
C ASP B 175 13.19 -6.53 19.51
N SER B 176 11.94 -6.38 19.03
CA SER B 176 10.72 -6.67 19.82
C SER B 176 10.57 -5.84 21.10
N THR B 177 11.23 -4.68 21.17
CA THR B 177 11.10 -3.78 22.32
C THR B 177 10.06 -2.70 22.07
N TYR B 178 9.71 -2.03 23.15
CA TYR B 178 8.85 -0.84 23.15
C TYR B 178 9.67 0.36 23.59
N SER B 179 9.18 1.54 23.21
CA SER B 179 9.71 2.78 23.75
C SER B 179 8.53 3.64 24.14
N LEU B 180 8.75 4.52 25.12
CA LEU B 180 7.69 5.33 25.69
C LEU B 180 8.24 6.72 26.04
N SER B 181 7.45 7.74 25.70
CA SER B 181 7.75 9.12 26.10
C SER B 181 6.66 9.55 27.04
N SER B 182 7.04 10.24 28.12
CA SER B 182 6.08 10.89 29.00
C SER B 182 6.41 12.38 29.04
N THR B 183 5.39 13.22 28.88
CA THR B 183 5.56 14.66 28.83
C THR B 183 4.79 15.36 29.95
N LEU B 184 5.53 15.98 30.87
CA LEU B 184 4.94 16.81 31.92
C LEU B 184 4.78 18.23 31.38
N THR B 185 3.54 18.73 31.35
CA THR B 185 3.25 20.09 30.85
C THR B 185 2.91 20.99 32.02
N LEU B 186 3.56 22.16 32.04
CA LEU B 186 3.34 23.19 33.04
C LEU B 186 3.32 24.56 32.38
N SER B 187 2.77 25.54 33.09
CA SER B 187 2.97 26.95 32.72
C SER B 187 4.39 27.35 33.12
N LYS B 188 4.94 28.37 32.46
CA LYS B 188 6.28 28.89 32.77
C LYS B 188 6.34 29.41 34.23
N ALA B 189 5.26 30.06 34.66
CA ALA B 189 5.11 30.50 36.04
C ALA B 189 5.26 29.34 37.03
N ASP B 190 4.54 28.24 36.79
CA ASP B 190 4.59 27.07 37.68
C ASP B 190 5.88 26.29 37.54
N TYR B 191 6.49 26.31 36.35
CA TYR B 191 7.82 25.73 36.16
C TYR B 191 8.87 26.43 37.03
N GLU B 192 8.82 27.77 37.04
CA GLU B 192 9.77 28.59 37.81
C GLU B 192 9.55 28.57 39.33
N LYS B 193 8.36 28.14 39.76
CA LYS B 193 8.04 27.96 41.18
C LYS B 193 8.88 26.84 41.87
N HIS B 194 9.33 25.83 41.11
CA HIS B 194 10.07 24.69 41.67
C HIS B 194 11.46 24.49 41.02
N LYS B 195 12.30 23.68 41.66
CA LYS B 195 13.68 23.45 41.18
C LYS B 195 13.94 22.05 40.62
N VAL B 196 13.66 21.01 41.40
CA VAL B 196 14.07 19.65 41.08
C VAL B 196 12.97 18.93 40.30
N TYR B 197 13.29 18.48 39.09
CA TYR B 197 12.34 17.76 38.25
C TYR B 197 12.87 16.37 38.04
N ALA B 198 12.06 15.36 38.33
CA ALA B 198 12.46 13.96 38.24
C ALA B 198 11.32 13.07 37.74
N CYS B 199 11.65 12.10 36.89
CA CYS B 199 10.73 11.03 36.56
C CYS B 199 11.28 9.73 37.15
N GLU B 200 10.38 8.98 37.80
CA GLU B 200 10.69 7.72 38.44
C GLU B 200 10.01 6.59 37.68
N VAL B 201 10.80 5.61 37.26
CA VAL B 201 10.33 4.55 36.38
C VAL B 201 10.34 3.20 37.10
N THR B 202 9.22 2.49 37.00
CA THR B 202 9.06 1.17 37.56
C THR B 202 8.81 0.20 36.40
N HIS B 203 9.55 -0.92 36.40
CA HIS B 203 9.47 -1.89 35.32
C HIS B 203 10.09 -3.24 35.75
N GLN B 204 9.55 -4.34 35.19
CA GLN B 204 9.96 -5.71 35.53
C GLN B 204 11.48 -5.97 35.43
N GLY B 205 12.12 -5.42 34.42
CA GLY B 205 13.58 -5.41 34.26
C GLY B 205 14.40 -4.57 35.22
N LEU B 206 13.77 -3.77 36.06
CA LEU B 206 14.46 -2.96 37.07
C LEU B 206 14.15 -3.55 38.45
N SER B 207 15.19 -3.96 39.18
CA SER B 207 14.99 -4.61 40.49
C SER B 207 14.37 -3.66 41.53
N SER B 208 14.63 -2.36 41.36
CA SER B 208 13.92 -1.30 42.06
C SER B 208 13.78 -0.09 41.12
N PRO B 209 12.90 0.88 41.44
CA PRO B 209 12.64 1.95 40.48
C PRO B 209 13.81 2.91 40.21
N VAL B 210 13.98 3.30 38.94
CA VAL B 210 15.03 4.22 38.52
C VAL B 210 14.46 5.62 38.42
N THR B 211 15.21 6.58 38.96
CA THR B 211 14.85 7.98 38.90
C THR B 211 15.92 8.73 38.10
N LYS B 212 15.48 9.56 37.16
CA LYS B 212 16.34 10.50 36.44
C LYS B 212 15.83 11.89 36.73
N SER B 213 16.74 12.84 36.92
CA SER B 213 16.36 14.20 37.34
C SER B 213 17.33 15.30 36.88
N PHE B 214 16.88 16.54 37.02
CA PHE B 214 17.72 17.73 36.82
C PHE B 214 17.25 18.88 37.72
N ASN B 215 18.02 19.96 37.72
CA ASN B 215 17.71 21.20 38.45
C ASN B 215 17.42 22.33 37.46
N ARG B 216 16.30 23.04 37.64
CA ARG B 216 15.87 24.11 36.72
C ARG B 216 16.97 25.12 36.39
N VAL C 2 32.19 -0.98 -15.83
CA VAL C 2 31.24 -1.04 -14.67
C VAL C 2 30.02 -1.90 -14.99
N GLN C 3 29.83 -2.98 -14.24
CA GLN C 3 28.65 -3.85 -14.36
C GLN C 3 28.01 -4.13 -13.00
N LEU C 4 26.67 -4.09 -12.96
CA LEU C 4 25.88 -4.43 -11.80
C LEU C 4 25.00 -5.61 -12.15
N GLN C 5 24.75 -6.48 -11.17
CA GLN C 5 23.90 -7.64 -11.42
C GLN C 5 23.08 -8.01 -10.19
N GLU C 6 21.75 -8.02 -10.37
CA GLU C 6 20.82 -8.39 -9.31
C GLU C 6 20.67 -9.92 -9.22
N SER C 7 20.45 -10.41 -8.00
CA SER C 7 20.09 -11.81 -7.77
C SER C 7 19.22 -11.93 -6.52
N GLY C 8 18.54 -13.07 -6.42
CA GLY C 8 17.55 -13.33 -5.37
C GLY C 8 16.36 -14.08 -5.94
N PRO C 9 15.39 -14.43 -5.09
CA PRO C 9 14.26 -15.22 -5.53
C PRO C 9 13.35 -14.47 -6.50
N SER C 10 12.74 -15.20 -7.42
CA SER C 10 11.77 -14.64 -8.36
C SER C 10 10.39 -14.49 -7.69
N LEU C 11 10.18 -15.18 -6.57
CA LEU C 11 8.87 -15.20 -5.89
C LEU C 11 9.07 -15.24 -4.36
N VAL C 12 8.24 -14.50 -3.64
CA VAL C 12 8.09 -14.65 -2.18
C VAL C 12 6.61 -14.61 -1.82
N LYS C 13 6.30 -15.11 -0.62
CA LYS C 13 4.93 -15.15 -0.11
C LYS C 13 4.59 -13.83 0.61
N PRO C 14 3.29 -13.45 0.62
CA PRO C 14 2.84 -12.26 1.38
C PRO C 14 3.23 -12.31 2.86
N SER C 15 3.70 -11.18 3.38
CA SER C 15 4.22 -11.02 4.75
C SER C 15 5.68 -11.47 4.97
N GLN C 16 6.26 -12.22 4.03
CA GLN C 16 7.66 -12.64 4.15
C GLN C 16 8.60 -11.53 3.73
N THR C 17 9.88 -11.71 4.08
CA THR C 17 10.92 -10.75 3.75
C THR C 17 11.42 -11.01 2.33
N LEU C 18 11.64 -9.93 1.60
CA LEU C 18 12.34 -9.97 0.31
C LEU C 18 13.78 -9.60 0.54
N SER C 19 14.69 -10.37 -0.01
CA SER C 19 16.13 -10.14 0.17
C SER C 19 16.85 -10.31 -1.17
N LEU C 20 17.41 -9.21 -1.67
CA LEU C 20 18.09 -9.20 -2.97
C LEU C 20 19.54 -8.74 -2.81
N THR C 21 20.35 -9.11 -3.79
CA THR C 21 21.77 -8.81 -3.82
C THR C 21 22.13 -8.13 -5.13
N CYS C 22 22.98 -7.12 -5.06
CA CYS C 22 23.62 -6.56 -6.24
C CYS C 22 25.12 -6.83 -6.16
N SER C 23 25.64 -7.52 -7.17
CA SER C 23 27.09 -7.78 -7.31
C SER C 23 27.64 -6.78 -8.31
N VAL C 24 28.69 -6.08 -7.91
CA VAL C 24 29.30 -5.01 -8.68
C VAL C 24 30.69 -5.43 -9.14
N THR C 25 30.97 -5.19 -10.42
CA THR C 25 32.33 -5.36 -10.97
C THR C 25 32.73 -4.13 -11.76
N GLY C 26 34.04 -3.98 -11.98
CA GLY C 26 34.60 -2.83 -12.68
C GLY C 26 34.64 -1.53 -11.88
N ASP C 27 34.29 -1.60 -10.60
CA ASP C 27 34.21 -0.43 -9.73
C ASP C 27 34.12 -0.87 -8.27
N SER C 28 34.54 0.02 -7.37
CA SER C 28 34.51 -0.25 -5.94
C SER C 28 33.30 0.45 -5.34
N ILE C 29 32.52 -0.29 -4.56
CA ILE C 29 31.35 0.30 -3.86
C ILE C 29 31.72 1.24 -2.71
N THR C 30 33.00 1.27 -2.33
CA THR C 30 33.54 2.29 -1.43
C THR C 30 33.70 3.67 -2.12
N SER C 31 33.28 3.81 -3.37
CA SER C 31 33.15 5.10 -4.03
C SER C 31 31.77 5.23 -4.68
N GLY C 32 31.19 6.44 -4.61
CA GLY C 32 29.90 6.70 -5.24
C GLY C 32 28.69 6.30 -4.41
N TYR C 33 27.56 6.17 -5.10
CA TYR C 33 26.26 5.90 -4.49
C TYR C 33 25.63 4.71 -5.14
N TRP C 34 25.10 3.81 -4.31
CA TRP C 34 24.66 2.50 -4.74
C TRP C 34 23.20 2.32 -4.37
N ASN C 35 22.35 2.24 -5.39
CA ASN C 35 20.92 2.48 -5.27
C ASN C 35 20.08 1.25 -5.57
N TRP C 36 18.86 1.25 -5.04
CA TRP C 36 17.82 0.31 -5.40
C TRP C 36 16.62 1.10 -5.93
N ILE C 37 16.10 0.65 -7.06
CA ILE C 37 14.97 1.28 -7.76
C ILE C 37 14.07 0.16 -8.25
N ARG C 38 12.75 0.38 -8.21
CA ARG C 38 11.81 -0.61 -8.69
C ARG C 38 10.77 -0.05 -9.65
N LYS C 39 10.34 -0.91 -10.57
CA LYS C 39 9.35 -0.58 -11.55
C LYS C 39 8.14 -1.46 -11.34
N PHE C 40 7.00 -0.83 -11.07
CA PHE C 40 5.75 -1.56 -10.90
C PHE C 40 5.17 -1.95 -12.25
N PRO C 41 4.23 -2.92 -12.27
CA PRO C 41 3.42 -3.12 -13.48
C PRO C 41 2.63 -1.86 -13.77
N GLY C 42 2.66 -1.41 -15.03
CA GLY C 42 2.17 -0.09 -15.42
C GLY C 42 3.30 0.89 -15.75
N ASN C 43 4.54 0.52 -15.42
CA ASN C 43 5.76 1.32 -15.68
C ASN C 43 5.95 2.56 -14.79
N LYS C 44 5.47 2.51 -13.55
CA LYS C 44 5.78 3.54 -12.55
C LYS C 44 7.11 3.17 -11.90
N LEU C 45 8.03 4.13 -11.78
CA LEU C 45 9.31 3.92 -11.09
C LEU C 45 9.28 4.52 -9.69
N GLU C 46 9.82 3.77 -8.73
CA GLU C 46 9.99 4.22 -7.36
C GLU C 46 11.45 4.12 -6.97
N TYR C 47 12.01 5.25 -6.54
CA TYR C 47 13.33 5.28 -5.93
C TYR C 47 13.23 4.77 -4.48
N MET C 48 14.01 3.75 -4.13
CA MET C 48 13.91 3.10 -2.82
C MET C 48 14.93 3.65 -1.85
N GLY C 49 16.18 3.74 -2.29
CA GLY C 49 17.23 4.26 -1.43
C GLY C 49 18.63 3.96 -1.92
N TYR C 50 19.62 4.34 -1.11
CA TYR C 50 21.01 4.06 -1.38
C TYR C 50 21.78 3.70 -0.14
N ILE C 51 22.95 3.11 -0.40
CA ILE C 51 24.03 3.06 0.55
C ILE C 51 25.20 3.75 -0.15
N SER C 52 25.86 4.66 0.57
CA SER C 52 26.90 5.49 -0.03
C SER C 52 28.25 4.82 0.10
N TYR C 53 29.23 5.45 -0.55
CA TYR C 53 30.64 5.11 -0.44
C TYR C 53 31.15 4.89 0.99
N SER C 54 30.66 5.70 1.93
CA SER C 54 31.06 5.61 3.36
C SER C 54 30.29 4.56 4.17
N GLY C 55 29.20 4.04 3.63
CA GLY C 55 28.30 3.13 4.34
C GLY C 55 27.07 3.80 4.94
N THR C 56 26.95 5.12 4.78
CA THR C 56 25.75 5.84 5.23
C THR C 56 24.63 5.55 4.23
N THR C 57 23.41 5.46 4.72
CA THR C 57 22.26 5.15 3.90
C THR C 57 21.23 6.28 3.86
N TYR C 58 20.40 6.22 2.81
CA TYR C 58 19.18 7.02 2.72
C TYR C 58 18.04 6.12 2.25
N TYR C 59 16.87 6.28 2.87
CA TYR C 59 15.68 5.51 2.53
C TYR C 59 14.52 6.43 2.18
N ASN C 60 13.73 6.03 1.18
CA ASN C 60 12.51 6.75 0.83
C ASN C 60 11.52 6.60 1.99
N PRO C 61 10.95 7.71 2.51
CA PRO C 61 9.94 7.64 3.59
C PRO C 61 8.77 6.68 3.37
N SER C 62 8.33 6.50 2.13
CA SER C 62 7.28 5.53 1.81
C SER C 62 7.64 4.08 2.18
N LEU C 63 8.95 3.78 2.17
CA LEU C 63 9.50 2.45 2.51
C LEU C 63 10.35 2.39 3.80
N LYS C 64 10.61 3.56 4.40
CA LYS C 64 11.54 3.73 5.54
C LYS C 64 11.33 2.76 6.72
N SER C 65 10.07 2.37 6.97
CA SER C 65 9.77 1.41 8.03
C SER C 65 10.22 -0.04 7.74
N ARG C 66 10.24 -0.43 6.47
CA ARG C 66 10.42 -1.83 6.08
C ARG C 66 11.73 -2.14 5.33
N ILE C 67 12.54 -1.10 5.07
CA ILE C 67 13.69 -1.22 4.18
C ILE C 67 15.00 -1.22 4.94
N SER C 68 15.94 -2.04 4.48
CA SER C 68 17.31 -2.00 4.93
C SER C 68 18.25 -2.20 3.74
N ILE C 69 19.21 -1.29 3.57
CA ILE C 69 20.26 -1.44 2.58
C ILE C 69 21.58 -1.63 3.31
N THR C 70 22.23 -2.76 3.04
CA THR C 70 23.50 -3.13 3.67
C THR C 70 24.54 -3.44 2.60
N ARG C 71 25.77 -3.69 3.02
CA ARG C 71 26.85 -4.01 2.09
C ARG C 71 27.91 -4.92 2.69
N ASP C 72 28.70 -5.50 1.79
CA ASP C 72 29.89 -6.26 2.15
C ASP C 72 30.97 -5.84 1.16
N THR C 73 31.86 -4.95 1.61
CA THR C 73 32.91 -4.40 0.75
C THR C 73 33.91 -5.47 0.35
N SER C 74 34.10 -6.47 1.20
CA SER C 74 35.01 -7.59 0.87
C SER C 74 34.55 -8.39 -0.35
N LYS C 75 33.24 -8.36 -0.65
CA LYS C 75 32.70 -9.01 -1.84
C LYS C 75 32.26 -8.02 -2.95
N ASN C 76 32.34 -6.71 -2.67
CA ASN C 76 31.81 -5.68 -3.57
C ASN C 76 30.33 -5.93 -3.91
N GLN C 77 29.56 -6.28 -2.88
CA GLN C 77 28.11 -6.48 -2.97
C GLN C 77 27.40 -5.53 -2.02
N TYR C 78 26.18 -5.14 -2.41
CA TYR C 78 25.24 -4.50 -1.50
C TYR C 78 23.86 -5.16 -1.62
N TYR C 79 23.05 -5.00 -0.57
CA TYR C 79 21.86 -5.83 -0.37
C TYR C 79 20.63 -4.98 -0.08
N LEU C 80 19.49 -5.48 -0.53
CA LEU C 80 18.19 -4.88 -0.23
C LEU C 80 17.41 -5.86 0.62
N GLN C 81 16.91 -5.41 1.75
CA GLN C 81 15.94 -6.17 2.54
C GLN C 81 14.64 -5.36 2.62
N LEU C 82 13.53 -6.00 2.23
CA LEU C 82 12.21 -5.40 2.31
C LEU C 82 11.29 -6.33 3.11
N ASN C 83 10.92 -5.89 4.31
CA ASN C 83 10.04 -6.70 5.19
C ASN C 83 8.59 -6.62 4.81
N SER C 84 7.84 -7.65 5.19
CA SER C 84 6.37 -7.60 5.25
C SER C 84 5.75 -7.27 3.91
N VAL C 85 6.16 -8.03 2.89
CA VAL C 85 5.74 -7.75 1.51
C VAL C 85 4.27 -8.06 1.26
N THR C 86 3.65 -7.28 0.39
CA THR C 86 2.28 -7.50 -0.07
C THR C 86 2.30 -7.71 -1.58
N THR C 87 1.14 -7.98 -2.17
CA THR C 87 1.02 -8.06 -3.63
C THR C 87 1.36 -6.75 -4.35
N GLU C 88 1.43 -5.62 -3.63
CA GLU C 88 1.82 -4.33 -4.21
C GLU C 88 3.36 -4.12 -4.22
N ASP C 89 4.13 -5.07 -3.69
CA ASP C 89 5.60 -5.09 -3.88
C ASP C 89 6.06 -5.90 -5.10
N THR C 90 5.11 -6.50 -5.82
CA THR C 90 5.38 -7.15 -7.10
C THR C 90 5.89 -6.09 -8.08
N ALA C 91 7.12 -6.29 -8.57
CA ALA C 91 7.80 -5.31 -9.40
C ALA C 91 9.08 -5.90 -9.98
N THR C 92 9.69 -5.16 -10.90
CA THR C 92 11.06 -5.42 -11.32
C THR C 92 11.96 -4.56 -10.47
N TYR C 93 12.95 -5.20 -9.85
CA TYR C 93 13.88 -4.53 -8.94
C TYR C 93 15.22 -4.33 -9.65
N TYR C 94 15.71 -3.10 -9.63
CA TYR C 94 16.95 -2.73 -10.27
C TYR C 94 17.94 -2.22 -9.22
N CYS C 95 19.20 -2.63 -9.34
CA CYS C 95 20.28 -1.90 -8.69
C CYS C 95 20.89 -0.93 -9.71
N ALA C 96 21.43 0.19 -9.22
CA ALA C 96 21.99 1.21 -10.09
C ALA C 96 23.02 2.07 -9.36
N ARG C 97 24.12 2.37 -10.04
CA ARG C 97 25.10 3.31 -9.51
C ARG C 97 24.64 4.69 -9.90
N ALA C 98 24.84 5.64 -8.98
CA ALA C 98 24.70 7.06 -9.26
C ALA C 98 26.04 7.74 -9.16
N ARG C 99 26.29 8.63 -10.12
CA ARG C 99 27.49 9.46 -10.15
C ARG C 99 27.07 10.85 -9.73
N TYR C 100 27.71 11.39 -8.70
CA TYR C 100 27.30 12.70 -8.14
C TYR C 100 27.23 13.81 -9.17
N GLY C 101 26.05 14.41 -9.30
CA GLY C 101 25.81 15.48 -10.25
C GLY C 101 25.19 15.03 -11.56
N TYR C 102 25.29 13.74 -11.87
CA TYR C 102 24.88 13.20 -13.17
C TYR C 102 23.59 12.41 -13.08
N GLY C 103 23.58 11.35 -12.27
CA GLY C 103 22.43 10.46 -12.15
C GLY C 103 22.80 9.01 -12.21
N PHE C 104 21.80 8.17 -12.49
CA PHE C 104 21.98 6.72 -12.51
C PHE C 104 22.62 6.31 -13.84
N ASP C 105 23.95 6.18 -13.82
CA ASP C 105 24.73 5.95 -15.05
C ASP C 105 24.87 4.46 -15.45
N TYR C 106 24.91 3.57 -14.46
CA TYR C 106 24.99 2.14 -14.73
C TYR C 106 23.91 1.43 -13.96
N TRP C 107 23.18 0.57 -14.64
CA TRP C 107 22.09 -0.19 -14.10
C TRP C 107 22.34 -1.68 -14.29
N GLY C 108 21.84 -2.51 -13.38
CA GLY C 108 21.71 -3.93 -13.63
C GLY C 108 20.58 -4.21 -14.62
N GLN C 109 20.46 -5.49 -15.01
CA GLN C 109 19.43 -5.94 -15.93
C GLN C 109 18.02 -5.99 -15.30
N GLY C 110 17.93 -5.84 -13.97
CA GLY C 110 16.67 -5.93 -13.25
C GLY C 110 16.31 -7.36 -12.90
N THR C 111 15.55 -7.56 -11.82
CA THR C 111 15.04 -8.90 -11.46
C THR C 111 13.52 -8.85 -11.14
N THR C 112 12.75 -9.67 -11.86
CA THR C 112 11.29 -9.71 -11.67
C THR C 112 10.95 -10.45 -10.37
N LEU C 113 10.24 -9.77 -9.48
CA LEU C 113 9.75 -10.35 -8.25
C LEU C 113 8.21 -10.37 -8.25
N THR C 114 7.65 -11.56 -8.03
CA THR C 114 6.21 -11.73 -7.85
C THR C 114 5.94 -12.07 -6.39
N VAL C 115 4.97 -11.38 -5.81
CA VAL C 115 4.49 -11.71 -4.45
C VAL C 115 3.17 -12.48 -4.60
N SER C 116 3.16 -13.69 -4.03
CA SER C 116 2.07 -14.62 -4.24
C SER C 116 2.15 -15.75 -3.21
N SER C 117 1.01 -16.07 -2.60
CA SER C 117 0.91 -17.22 -1.69
C SER C 117 0.68 -18.53 -2.43
N ALA C 118 0.52 -18.46 -3.75
CA ALA C 118 0.20 -19.64 -4.55
C ALA C 118 1.38 -20.58 -4.70
N SER C 119 1.06 -21.87 -4.82
CA SER C 119 2.04 -22.90 -5.13
C SER C 119 2.03 -23.12 -6.63
N THR C 120 3.04 -23.80 -7.13
CA THR C 120 3.07 -24.21 -8.54
C THR C 120 1.78 -24.95 -8.93
N LYS C 121 1.08 -24.44 -9.94
CA LYS C 121 -0.17 -25.01 -10.41
C LYS C 121 -0.24 -24.89 -11.92
N GLY C 122 -0.60 -25.98 -12.58
CA GLY C 122 -0.73 -26.00 -14.02
C GLY C 122 -2.02 -25.36 -14.48
N PRO C 123 -2.06 -24.85 -15.73
CA PRO C 123 -3.25 -24.17 -16.27
C PRO C 123 -4.38 -25.11 -16.68
N SER C 124 -5.62 -24.59 -16.60
CA SER C 124 -6.75 -25.14 -17.35
C SER C 124 -6.82 -24.39 -18.66
N VAL C 125 -7.10 -25.11 -19.74
CA VAL C 125 -7.17 -24.52 -21.08
C VAL C 125 -8.57 -24.65 -21.63
N PHE C 126 -9.29 -23.52 -21.74
CA PHE C 126 -10.68 -23.49 -22.21
C PHE C 126 -10.78 -22.85 -23.60
N PRO C 127 -11.64 -23.39 -24.48
CA PRO C 127 -11.74 -22.84 -25.83
C PRO C 127 -12.54 -21.54 -25.87
N LEU C 128 -12.11 -20.62 -26.74
CA LEU C 128 -12.84 -19.41 -27.08
C LEU C 128 -13.34 -19.56 -28.52
N ALA C 129 -14.65 -19.75 -28.68
CA ALA C 129 -15.26 -19.99 -29.99
C ALA C 129 -16.57 -19.24 -30.08
N PRO C 130 -16.89 -18.70 -31.26
CA PRO C 130 -18.12 -17.91 -31.40
C PRO C 130 -19.36 -18.78 -31.24
N CYS C 131 -20.51 -18.18 -30.94
CA CYS C 131 -21.77 -18.91 -30.94
C CYS C 131 -22.14 -19.37 -32.34
N SER C 138 -16.47 -11.96 -42.88
CA SER C 138 -15.28 -12.45 -43.61
C SER C 138 -14.23 -13.07 -42.68
N THR C 139 -13.90 -12.38 -41.59
CA THR C 139 -12.86 -12.81 -40.66
C THR C 139 -13.50 -13.31 -39.37
N ALA C 140 -13.04 -14.45 -38.88
CA ALA C 140 -13.50 -15.00 -37.60
C ALA C 140 -12.34 -15.04 -36.62
N ALA C 141 -12.65 -15.01 -35.33
CA ALA C 141 -11.66 -15.15 -34.28
C ALA C 141 -11.93 -16.41 -33.45
N LEU C 142 -10.86 -17.08 -33.07
CA LEU C 142 -10.89 -18.21 -32.15
C LEU C 142 -9.81 -17.97 -31.13
N GLY C 143 -9.90 -18.68 -30.01
CA GLY C 143 -8.82 -18.62 -29.05
C GLY C 143 -8.86 -19.65 -27.95
N CYS C 144 -7.96 -19.47 -26.99
CA CYS C 144 -7.88 -20.29 -25.80
C CYS C 144 -7.67 -19.40 -24.59
N LEU C 145 -8.44 -19.67 -23.54
CA LEU C 145 -8.29 -19.02 -22.26
C LEU C 145 -7.43 -19.96 -21.43
N VAL C 146 -6.22 -19.52 -21.11
CA VAL C 146 -5.26 -20.30 -20.35
C VAL C 146 -5.33 -19.75 -18.94
N LYS C 147 -5.94 -20.52 -18.04
CA LYS C 147 -6.46 -19.99 -16.77
C LYS C 147 -5.94 -20.71 -15.51
N ASP C 148 -5.68 -19.92 -14.48
CA ASP C 148 -5.34 -20.41 -13.14
C ASP C 148 -4.05 -21.22 -13.06
N TYR C 149 -2.97 -20.61 -13.54
CA TYR C 149 -1.64 -21.22 -13.46
C TYR C 149 -0.68 -20.36 -12.66
N PHE C 150 0.42 -20.98 -12.24
CA PHE C 150 1.46 -20.31 -11.49
C PHE C 150 2.71 -21.19 -11.43
N PRO C 151 3.91 -20.62 -11.62
CA PRO C 151 4.15 -19.21 -11.97
C PRO C 151 4.15 -18.99 -13.48
N GLU C 152 4.53 -17.79 -13.91
CA GLU C 152 4.88 -17.54 -15.30
C GLU C 152 6.23 -18.23 -15.61
N PRO C 153 6.52 -18.55 -16.87
CA PRO C 153 5.67 -18.27 -18.03
C PRO C 153 4.88 -19.48 -18.50
N VAL C 154 3.88 -19.20 -19.33
CA VAL C 154 3.25 -20.19 -20.18
C VAL C 154 3.60 -19.81 -21.61
N THR C 155 3.87 -20.81 -22.47
CA THR C 155 4.00 -20.56 -23.90
C THR C 155 2.78 -21.13 -24.59
N VAL C 156 2.26 -20.40 -25.57
CA VAL C 156 1.11 -20.81 -26.34
C VAL C 156 1.53 -20.78 -27.80
N SER C 157 1.19 -21.83 -28.54
CA SER C 157 1.34 -21.85 -29.98
C SER C 157 0.08 -22.43 -30.60
N TRP C 158 -0.02 -22.31 -31.92
CA TRP C 158 -1.20 -22.76 -32.67
C TRP C 158 -0.85 -23.75 -33.77
N ASN C 159 -1.61 -24.86 -33.84
CA ASN C 159 -1.36 -25.95 -34.77
C ASN C 159 0.10 -26.39 -34.79
N SER C 160 0.65 -26.58 -33.59
CA SER C 160 2.04 -27.03 -33.36
C SER C 160 3.10 -26.06 -33.87
N GLY C 161 2.80 -24.77 -33.83
CA GLY C 161 3.69 -23.73 -34.36
C GLY C 161 3.66 -23.56 -35.88
N ALA C 162 2.74 -24.23 -36.56
CA ALA C 162 2.53 -24.04 -38.00
C ALA C 162 1.80 -22.73 -38.27
N LEU C 163 0.92 -22.31 -37.36
CA LEU C 163 0.13 -21.09 -37.49
C LEU C 163 0.65 -20.00 -36.54
N THR C 164 1.29 -18.97 -37.10
CA THR C 164 1.73 -17.78 -36.36
C THR C 164 1.04 -16.46 -36.83
N SER C 165 0.57 -16.39 -38.06
CA SER C 165 -0.01 -15.15 -38.59
C SER C 165 -1.44 -14.94 -38.08
N GLY C 166 -1.73 -13.71 -37.63
CA GLY C 166 -3.01 -13.38 -37.02
C GLY C 166 -3.13 -13.76 -35.55
N VAL C 167 -2.04 -14.24 -34.94
CA VAL C 167 -2.04 -14.66 -33.55
C VAL C 167 -1.71 -13.47 -32.65
N HIS C 168 -2.47 -13.31 -31.58
CA HIS C 168 -2.14 -12.38 -30.50
C HIS C 168 -2.27 -13.13 -29.21
N THR C 169 -1.14 -13.31 -28.52
CA THR C 169 -1.13 -13.89 -27.19
C THR C 169 -0.94 -12.73 -26.22
N PHE C 170 -1.91 -12.55 -25.33
CA PHE C 170 -1.99 -11.39 -24.47
C PHE C 170 -1.10 -11.54 -23.25
N PRO C 171 -0.63 -10.41 -22.68
CA PRO C 171 0.08 -10.44 -21.41
C PRO C 171 -0.76 -11.10 -20.33
N ALA C 172 -0.15 -11.96 -19.52
CA ALA C 172 -0.84 -12.58 -18.41
C ALA C 172 -1.25 -11.54 -17.39
N VAL C 173 -2.39 -11.76 -16.76
CA VAL C 173 -2.87 -10.92 -15.66
C VAL C 173 -2.90 -11.78 -14.40
N LEU C 174 -2.49 -11.17 -13.28
CA LEU C 174 -2.48 -11.81 -11.97
C LEU C 174 -3.84 -11.59 -11.31
N GLN C 175 -4.60 -12.66 -11.18
CA GLN C 175 -5.98 -12.58 -10.64
C GLN C 175 -5.96 -12.35 -9.13
N SER C 176 -7.11 -11.95 -8.59
CA SER C 176 -7.25 -11.68 -7.16
C SER C 176 -7.03 -12.93 -6.30
N SER C 177 -7.27 -14.12 -6.87
CA SER C 177 -6.91 -15.40 -6.25
C SER C 177 -5.39 -15.62 -6.10
N GLY C 178 -4.58 -14.92 -6.89
CA GLY C 178 -3.12 -15.05 -6.87
C GLY C 178 -2.56 -15.95 -7.96
N LEU C 179 -3.43 -16.44 -8.86
CA LEU C 179 -3.04 -17.24 -10.00
C LEU C 179 -3.12 -16.41 -11.28
N TYR C 180 -2.33 -16.79 -12.29
CA TYR C 180 -2.31 -16.08 -13.57
C TYR C 180 -3.39 -16.59 -14.52
N SER C 181 -3.78 -15.70 -15.44
CA SER C 181 -4.63 -16.03 -16.56
C SER C 181 -4.21 -15.22 -17.79
N LEU C 182 -4.31 -15.85 -18.95
CA LEU C 182 -4.18 -15.14 -20.21
C LEU C 182 -5.05 -15.77 -21.29
N SER C 183 -5.26 -15.01 -22.35
CA SER C 183 -5.95 -15.47 -23.54
C SER C 183 -5.00 -15.36 -24.72
N SER C 184 -5.11 -16.32 -25.64
CA SER C 184 -4.41 -16.28 -26.90
C SER C 184 -5.48 -16.47 -27.97
N VAL C 185 -5.48 -15.60 -28.96
CA VAL C 185 -6.49 -15.61 -30.02
C VAL C 185 -5.80 -15.61 -31.37
N VAL C 186 -6.52 -16.08 -32.37
CA VAL C 186 -6.07 -16.06 -33.76
C VAL C 186 -7.26 -15.63 -34.63
N THR C 187 -7.00 -14.81 -35.64
CA THR C 187 -8.03 -14.48 -36.62
C THR C 187 -7.74 -15.22 -37.91
N VAL C 188 -8.80 -15.75 -38.51
CA VAL C 188 -8.69 -16.59 -39.71
C VAL C 188 -9.86 -16.28 -40.65
N PRO C 189 -9.74 -16.71 -41.93
CA PRO C 189 -10.91 -16.58 -42.80
C PRO C 189 -12.11 -17.32 -42.20
N SER C 190 -13.26 -16.64 -42.15
CA SER C 190 -14.51 -17.25 -41.66
C SER C 190 -14.96 -18.45 -42.52
N SER C 191 -14.57 -18.48 -43.79
CA SER C 191 -14.81 -19.62 -44.67
C SER C 191 -14.02 -20.88 -44.28
N SER C 192 -12.81 -20.70 -43.73
CA SER C 192 -11.97 -21.83 -43.31
C SER C 192 -12.43 -22.53 -42.02
N LEU C 193 -13.42 -21.97 -41.32
CA LEU C 193 -13.94 -22.57 -40.07
C LEU C 193 -14.54 -23.97 -40.26
N GLY C 194 -15.33 -24.14 -41.31
CA GLY C 194 -15.98 -25.43 -41.58
C GLY C 194 -15.11 -26.54 -42.16
N THR C 195 -13.95 -26.18 -42.72
CA THR C 195 -13.04 -27.14 -43.39
C THR C 195 -11.71 -27.41 -42.66
N LYS C 196 -11.24 -26.44 -41.87
CA LYS C 196 -9.92 -26.50 -41.23
C LYS C 196 -10.10 -26.64 -39.71
N THR C 197 -9.04 -27.09 -39.05
CA THR C 197 -9.06 -27.24 -37.59
C THR C 197 -8.00 -26.37 -36.95
N TYR C 198 -8.27 -25.97 -35.72
CA TYR C 198 -7.44 -25.03 -34.99
C TYR C 198 -7.27 -25.52 -33.57
N THR C 199 -6.01 -25.76 -33.21
CA THR C 199 -5.67 -26.31 -31.93
C THR C 199 -4.67 -25.37 -31.31
N CYS C 200 -4.90 -24.99 -30.05
CA CYS C 200 -3.90 -24.24 -29.30
C CYS C 200 -3.10 -25.23 -28.48
N ASN C 201 -1.79 -24.97 -28.38
CA ASN C 201 -0.86 -25.87 -27.71
C ASN C 201 -0.25 -25.07 -26.59
N VAL C 202 -0.61 -25.44 -25.36
CA VAL C 202 -0.22 -24.71 -24.18
C VAL C 202 0.86 -25.52 -23.45
N ASP C 203 1.96 -24.86 -23.11
CA ASP C 203 3.03 -25.51 -22.35
C ASP C 203 3.34 -24.70 -21.09
N HIS C 204 3.38 -25.39 -19.95
CA HIS C 204 3.72 -24.79 -18.68
C HIS C 204 4.83 -25.63 -18.03
N LYS C 205 6.07 -25.30 -18.42
CA LYS C 205 7.27 -26.00 -17.94
C LYS C 205 7.44 -26.07 -16.41
N PRO C 206 7.14 -24.97 -15.67
CA PRO C 206 7.23 -25.01 -14.20
C PRO C 206 6.43 -26.11 -13.49
N SER C 207 5.24 -26.47 -14.01
CA SER C 207 4.44 -27.56 -13.45
C SER C 207 4.41 -28.82 -14.35
N ASN C 208 5.28 -28.85 -15.36
CA ASN C 208 5.38 -29.97 -16.30
C ASN C 208 4.07 -30.27 -17.08
N THR C 209 3.25 -29.25 -17.29
CA THR C 209 1.92 -29.39 -17.91
C THR C 209 1.98 -29.01 -19.39
N LYS C 210 1.44 -29.88 -20.24
CA LYS C 210 1.35 -29.63 -21.67
C LYS C 210 -0.03 -30.03 -22.15
N VAL C 211 -0.75 -29.10 -22.76
CA VAL C 211 -2.15 -29.31 -23.12
C VAL C 211 -2.39 -28.83 -24.54
N ASP C 212 -3.07 -29.67 -25.33
CA ASP C 212 -3.50 -29.34 -26.67
C ASP C 212 -5.02 -29.30 -26.64
N LYS C 213 -5.61 -28.21 -27.14
CA LYS C 213 -7.07 -28.05 -27.11
C LYS C 213 -7.62 -27.64 -28.47
N ARG C 214 -8.36 -28.55 -29.10
CA ARG C 214 -9.10 -28.25 -30.33
C ARG C 214 -10.17 -27.21 -30.01
N VAL C 215 -10.24 -26.17 -30.86
CA VAL C 215 -11.19 -25.08 -30.70
C VAL C 215 -12.27 -25.17 -31.78
N GLU C 216 -13.52 -25.32 -31.37
CA GLU C 216 -14.63 -25.62 -32.30
C GLU C 216 -15.88 -24.84 -31.93
N ASP D 1 7.16 14.08 -2.09
CA ASP D 1 6.75 15.49 -1.82
C ASP D 1 6.83 16.29 -3.14
N VAL D 2 7.98 16.21 -3.81
CA VAL D 2 8.13 16.77 -5.17
C VAL D 2 7.42 15.82 -6.10
N LEU D 3 6.25 16.24 -6.57
CA LEU D 3 5.53 15.49 -7.59
C LEU D 3 6.06 15.91 -8.96
N MET D 4 6.26 14.93 -9.84
CA MET D 4 6.73 15.17 -11.20
C MET D 4 5.67 14.69 -12.17
N THR D 5 5.07 15.62 -12.92
CA THR D 5 3.97 15.30 -13.82
C THR D 5 4.45 15.36 -15.27
N GLN D 6 4.43 14.21 -15.94
CA GLN D 6 4.80 14.10 -17.35
C GLN D 6 3.58 14.12 -18.25
N THR D 7 3.69 14.83 -19.39
CA THR D 7 2.63 14.96 -20.39
C THR D 7 3.20 14.81 -21.80
N PRO D 8 2.62 13.99 -22.68
CA PRO D 8 1.53 13.04 -22.36
C PRO D 8 2.10 11.74 -21.82
N LEU D 9 1.24 10.79 -21.46
CA LEU D 9 1.70 9.46 -21.02
C LEU D 9 1.85 8.49 -22.21
N SER D 10 1.05 8.69 -23.26
CA SER D 10 1.27 8.04 -24.55
C SER D 10 1.53 9.13 -25.58
N LEU D 11 2.66 9.05 -26.29
CA LEU D 11 3.03 10.04 -27.31
C LEU D 11 3.26 9.40 -28.67
N PRO D 12 2.22 9.43 -29.54
CA PRO D 12 2.42 9.03 -30.93
C PRO D 12 3.37 9.98 -31.65
N VAL D 13 4.21 9.42 -32.52
CA VAL D 13 5.10 10.18 -33.39
C VAL D 13 5.36 9.39 -34.67
N SER D 14 5.63 10.09 -35.78
CA SER D 14 6.13 9.45 -36.98
C SER D 14 7.65 9.50 -36.97
N LEU D 15 8.28 8.47 -37.52
CA LEU D 15 9.74 8.46 -37.67
C LEU D 15 10.20 9.63 -38.53
N GLY D 16 11.25 10.31 -38.08
CA GLY D 16 11.74 11.53 -38.73
C GLY D 16 11.11 12.82 -38.23
N ASP D 17 10.02 12.73 -37.45
CA ASP D 17 9.40 13.93 -36.88
C ASP D 17 9.97 14.23 -35.50
N GLN D 18 9.63 15.41 -35.01
CA GLN D 18 10.03 15.89 -33.69
C GLN D 18 9.07 15.34 -32.64
N ALA D 19 9.61 14.88 -31.52
CA ALA D 19 8.81 14.52 -30.35
C ALA D 19 9.21 15.41 -29.17
N SER D 20 8.21 15.87 -28.42
CA SER D 20 8.41 16.70 -27.25
C SER D 20 7.68 16.11 -26.02
N ILE D 21 8.39 16.01 -24.90
CA ILE D 21 7.85 15.46 -23.66
C ILE D 21 8.00 16.52 -22.58
N SER D 22 6.89 16.85 -21.93
CA SER D 22 6.84 17.88 -20.90
C SER D 22 6.88 17.23 -19.51
N CYS D 23 7.59 17.86 -18.59
CA CYS D 23 7.67 17.43 -17.22
C CYS D 23 7.55 18.65 -16.33
N ARG D 24 6.49 18.69 -15.52
CA ARG D 24 6.26 19.78 -14.58
C ARG D 24 6.50 19.28 -13.17
N SER D 25 7.31 20.01 -12.40
CA SER D 25 7.50 19.70 -10.98
C SER D 25 6.51 20.52 -10.16
N SER D 26 6.02 19.94 -9.07
CA SER D 26 5.04 20.61 -8.19
C SER D 26 5.66 21.72 -7.32
N GLN D 27 6.99 21.74 -7.22
CA GLN D 27 7.72 22.84 -6.61
C GLN D 27 9.08 22.98 -7.32
N SER D 28 9.83 24.01 -6.98
CA SER D 28 11.18 24.19 -7.54
C SER D 28 12.11 23.07 -7.10
N ILE D 29 13.10 22.76 -7.92
CA ILE D 29 14.00 21.64 -7.67
C ILE D 29 15.46 22.11 -7.72
N VAL D 30 15.73 23.19 -6.98
CA VAL D 30 17.08 23.71 -6.74
C VAL D 30 17.62 23.11 -5.44
N ASN D 35 22.60 23.78 -7.71
CA ASN D 35 22.26 23.15 -8.97
C ASN D 35 20.82 22.62 -9.00
N THR D 36 20.38 22.31 -10.21
CA THR D 36 19.09 21.69 -10.46
C THR D 36 19.34 20.31 -11.09
N TYR D 37 19.07 19.25 -10.33
CA TYR D 37 19.36 17.89 -10.74
C TYR D 37 18.13 17.24 -11.33
N LEU D 38 17.83 17.64 -12.56
CA LEU D 38 16.75 17.08 -13.34
C LEU D 38 17.34 16.28 -14.49
N GLU D 39 16.95 15.02 -14.54
CA GLU D 39 17.47 14.05 -15.47
C GLU D 39 16.34 13.43 -16.28
N TRP D 40 16.71 12.94 -17.47
CA TRP D 40 15.80 12.20 -18.33
C TRP D 40 16.40 10.83 -18.58
N TYR D 41 15.56 9.80 -18.48
CA TYR D 41 15.94 8.40 -18.73
C TYR D 41 15.07 7.78 -19.81
N LEU D 42 15.62 6.81 -20.53
CA LEU D 42 14.90 6.03 -21.53
C LEU D 42 15.03 4.57 -21.17
N GLN D 43 13.90 3.88 -21.08
CA GLN D 43 13.88 2.43 -21.04
C GLN D 43 13.32 1.89 -22.35
N LYS D 44 14.18 1.26 -23.14
CA LYS D 44 13.76 0.58 -24.37
C LYS D 44 13.30 -0.84 -23.97
N PRO D 45 12.44 -1.47 -24.79
CA PRO D 45 12.01 -2.86 -24.54
C PRO D 45 13.19 -3.82 -24.36
N GLY D 46 13.10 -4.71 -23.39
CA GLY D 46 14.15 -5.70 -23.13
C GLY D 46 15.46 -5.16 -22.56
N GLN D 47 15.45 -3.94 -22.05
CA GLN D 47 16.64 -3.28 -21.56
C GLN D 47 16.34 -2.54 -20.27
N SER D 48 17.37 -2.27 -19.47
CA SER D 48 17.26 -1.40 -18.30
C SER D 48 17.20 0.06 -18.70
N PRO D 49 16.69 0.93 -17.80
CA PRO D 49 16.70 2.37 -18.08
C PRO D 49 18.11 2.92 -18.29
N LYS D 50 18.21 3.98 -19.09
CA LYS D 50 19.51 4.62 -19.40
C LYS D 50 19.41 6.12 -19.28
N LEU D 51 20.47 6.71 -18.76
CA LEU D 51 20.58 8.15 -18.57
C LEU D 51 20.81 8.90 -19.89
N LEU D 52 19.92 9.84 -20.20
CA LEU D 52 20.03 10.68 -21.39
C LEU D 52 20.55 12.08 -21.08
N ILE D 53 19.90 12.74 -20.14
CA ILE D 53 20.13 14.16 -19.86
C ILE D 53 20.37 14.30 -18.37
N TYR D 54 21.33 15.15 -18.00
CA TYR D 54 21.60 15.51 -16.60
C TYR D 54 21.67 17.03 -16.44
N LYS D 55 21.50 17.49 -15.21
CA LYS D 55 21.43 18.92 -14.90
C LYS D 55 20.59 19.70 -15.93
N VAL D 56 19.35 19.24 -16.14
CA VAL D 56 18.38 19.89 -17.01
C VAL D 56 18.68 19.79 -18.51
N SER D 57 19.86 20.26 -18.94
CA SER D 57 20.14 20.49 -20.36
C SER D 57 21.42 19.83 -20.89
N ASN D 58 22.10 19.01 -20.09
CA ASN D 58 23.36 18.40 -20.50
C ASN D 58 23.20 16.97 -20.95
N ARG D 59 23.69 16.69 -22.14
CA ARG D 59 23.64 15.37 -22.75
C ARG D 59 24.67 14.46 -22.10
N PHE D 60 24.25 13.25 -21.71
CA PHE D 60 25.17 12.27 -21.13
C PHE D 60 25.99 11.59 -22.25
N SER D 61 27.07 10.93 -21.87
CA SER D 61 27.95 10.23 -22.82
C SER D 61 27.20 9.12 -23.59
N GLY D 62 27.51 8.98 -24.87
CA GLY D 62 26.84 8.04 -25.74
C GLY D 62 25.43 8.40 -26.18
N VAL D 63 24.95 9.61 -25.83
CA VAL D 63 23.59 10.04 -26.17
C VAL D 63 23.63 10.92 -27.42
N PRO D 64 22.82 10.59 -28.46
CA PRO D 64 22.85 11.39 -29.71
C PRO D 64 22.39 12.84 -29.52
N ASP D 65 22.92 13.74 -30.35
CA ASP D 65 22.58 15.18 -30.30
C ASP D 65 21.14 15.54 -30.68
N ARG D 66 20.41 14.60 -31.27
CA ARG D 66 18.97 14.77 -31.47
C ARG D 66 18.17 14.82 -30.15
N PHE D 67 18.77 14.36 -29.04
CA PHE D 67 18.24 14.53 -27.69
C PHE D 67 18.73 15.85 -27.07
N SER D 68 17.79 16.70 -26.66
CA SER D 68 18.12 17.89 -25.89
C SER D 68 17.09 18.15 -24.80
N GLY D 69 17.58 18.57 -23.63
CA GLY D 69 16.75 18.96 -22.52
C GLY D 69 16.78 20.45 -22.35
N SER D 70 15.68 21.02 -21.87
CA SER D 70 15.65 22.42 -21.50
C SER D 70 14.61 22.63 -20.42
N GLY D 71 14.58 23.83 -19.88
CA GLY D 71 13.64 24.14 -18.81
C GLY D 71 14.18 25.03 -17.73
N SER D 72 13.23 25.57 -16.98
CA SER D 72 13.50 26.45 -15.86
C SER D 72 12.54 26.18 -14.74
N GLY D 73 13.03 26.23 -13.50
CA GLY D 73 12.18 26.40 -12.34
C GLY D 73 11.33 25.18 -12.14
N THR D 74 10.14 25.19 -12.74
CA THR D 74 9.20 24.05 -12.64
C THR D 74 8.80 23.37 -13.96
N ASP D 75 9.16 23.94 -15.11
CA ASP D 75 8.73 23.38 -16.40
C ASP D 75 9.94 22.90 -17.21
N PHE D 76 9.98 21.60 -17.50
CA PHE D 76 11.12 20.98 -18.18
C PHE D 76 10.64 20.21 -19.40
N THR D 77 11.47 20.21 -20.44
CA THR D 77 11.10 19.58 -21.71
C THR D 77 12.27 18.78 -22.27
N LEU D 78 11.97 17.57 -22.74
CA LEU D 78 12.89 16.78 -23.53
C LEU D 78 12.43 16.83 -24.98
N LYS D 79 13.33 17.18 -25.89
CA LYS D 79 13.05 17.17 -27.33
C LYS D 79 13.88 16.12 -28.02
N ILE D 80 13.22 15.35 -28.89
CA ILE D 80 13.88 14.40 -29.79
C ILE D 80 13.59 14.90 -31.22
N SER D 81 14.60 15.42 -31.88
CA SER D 81 14.38 16.27 -33.07
C SER D 81 14.03 15.54 -34.37
N ARG D 82 14.49 14.29 -34.50
CA ARG D 82 14.20 13.46 -35.69
C ARG D 82 14.12 12.01 -35.25
N VAL D 83 12.95 11.61 -34.75
CA VAL D 83 12.80 10.32 -34.06
C VAL D 83 13.21 9.15 -34.95
N GLU D 84 14.04 8.27 -34.38
CA GLU D 84 14.37 6.97 -34.99
C GLU D 84 13.66 5.84 -34.24
N ALA D 85 13.52 4.69 -34.91
CA ALA D 85 12.92 3.49 -34.30
C ALA D 85 13.61 3.07 -32.99
N GLU D 86 14.93 3.25 -32.90
CA GLU D 86 15.69 2.96 -31.67
C GLU D 86 15.33 3.87 -30.49
N ASP D 87 14.68 5.00 -30.76
CA ASP D 87 14.23 5.93 -29.72
C ASP D 87 12.90 5.51 -29.07
N LEU D 88 12.23 4.49 -29.62
CA LEU D 88 10.94 4.04 -29.09
C LEU D 88 11.14 3.33 -27.78
N GLY D 89 10.31 3.66 -26.80
CA GLY D 89 10.43 3.14 -25.45
C GLY D 89 9.74 4.08 -24.49
N VAL D 90 10.07 3.97 -23.21
CA VAL D 90 9.43 4.78 -22.18
C VAL D 90 10.43 5.78 -21.66
N TYR D 91 10.03 7.06 -21.64
CA TYR D 91 10.86 8.14 -21.15
C TYR D 91 10.40 8.59 -19.77
N TYR D 92 11.36 8.84 -18.87
CA TYR D 92 11.06 9.34 -17.54
C TYR D 92 11.88 10.56 -17.17
N CYS D 93 11.22 11.60 -16.66
CA CYS D 93 11.94 12.66 -15.97
C CYS D 93 12.19 12.22 -14.52
N PHE D 94 13.19 12.83 -13.91
CA PHE D 94 13.60 12.47 -12.55
C PHE D 94 14.19 13.70 -11.89
N GLN D 95 13.86 13.93 -10.62
CA GLN D 95 14.50 14.98 -9.85
C GLN D 95 15.25 14.35 -8.70
N GLY D 96 16.51 14.76 -8.55
CA GLY D 96 17.37 14.33 -7.45
C GLY D 96 17.88 15.48 -6.61
N SER D 97 17.17 16.61 -6.64
CA SER D 97 17.54 17.78 -5.84
C SER D 97 17.02 17.69 -4.42
N HIS D 98 15.77 17.22 -4.27
CA HIS D 98 15.11 17.15 -2.96
C HIS D 98 14.65 15.75 -2.65
N VAL D 99 14.78 15.36 -1.39
CA VAL D 99 14.23 14.09 -0.90
C VAL D 99 12.72 14.22 -0.62
N PRO D 100 11.90 13.23 -0.97
CA PRO D 100 12.30 12.01 -1.70
C PRO D 100 12.58 12.22 -3.18
N LEU D 101 13.48 11.40 -3.73
CA LEU D 101 13.82 11.48 -5.14
C LEU D 101 12.67 10.83 -5.91
N THR D 102 12.21 11.49 -6.97
CA THR D 102 10.99 11.06 -7.65
C THR D 102 11.13 11.04 -9.16
N PHE D 103 10.56 10.01 -9.77
CA PHE D 103 10.38 9.91 -11.22
C PHE D 103 9.00 10.40 -11.63
N GLY D 104 8.89 10.93 -12.85
CA GLY D 104 7.58 11.11 -13.49
C GLY D 104 7.04 9.77 -13.89
N ALA D 105 5.76 9.72 -14.25
CA ALA D 105 5.03 8.48 -14.49
C ALA D 105 5.53 7.70 -15.71
N GLY D 106 6.10 8.38 -16.68
CA GLY D 106 6.65 7.73 -17.84
C GLY D 106 5.80 8.01 -19.07
N THR D 107 6.46 8.38 -20.16
CA THR D 107 5.82 8.67 -21.41
C THR D 107 6.24 7.61 -22.39
N LYS D 108 5.28 6.85 -22.90
CA LYS D 108 5.59 5.86 -23.90
C LYS D 108 5.53 6.43 -25.31
N LEU D 109 6.67 6.45 -25.99
CA LEU D 109 6.76 6.89 -27.37
C LEU D 109 6.39 5.72 -28.29
N GLU D 110 5.35 5.90 -29.11
CA GLU D 110 4.84 4.88 -30.05
C GLU D 110 4.67 5.48 -31.46
N LEU D 111 4.40 4.63 -32.44
CA LEU D 111 4.34 5.04 -33.84
C LEU D 111 2.92 5.39 -34.29
N LYS D 112 2.80 6.54 -34.96
CA LYS D 112 1.57 6.95 -35.60
C LYS D 112 1.27 6.05 -36.81
N ARG D 113 -0.01 5.80 -37.03
CA ARG D 113 -0.51 5.22 -38.28
C ARG D 113 -1.93 5.70 -38.44
N THR D 114 -2.60 5.29 -39.52
CA THR D 114 -3.98 5.71 -39.74
C THR D 114 -4.89 5.08 -38.71
N VAL D 115 -5.98 5.77 -38.40
CA VAL D 115 -7.02 5.20 -37.54
C VAL D 115 -7.54 3.87 -38.12
N ALA D 116 -7.65 2.85 -37.27
CA ALA D 116 -8.15 1.53 -37.66
C ALA D 116 -9.14 1.07 -36.59
N ALA D 117 -10.39 0.85 -37.00
CA ALA D 117 -11.44 0.40 -36.09
C ALA D 117 -11.17 -1.02 -35.66
N PRO D 118 -11.44 -1.36 -34.38
CA PRO D 118 -11.27 -2.74 -33.96
C PRO D 118 -12.29 -3.66 -34.60
N SER D 119 -11.87 -4.90 -34.90
CA SER D 119 -12.82 -5.96 -35.20
C SER D 119 -13.17 -6.51 -33.84
N VAL D 120 -14.47 -6.59 -33.55
CA VAL D 120 -14.91 -6.96 -32.20
C VAL D 120 -15.52 -8.35 -32.21
N PHE D 121 -15.10 -9.18 -31.26
CA PHE D 121 -15.59 -10.53 -31.13
C PHE D 121 -15.93 -10.80 -29.67
N ILE D 122 -17.04 -11.49 -29.44
CA ILE D 122 -17.44 -11.95 -28.12
C ILE D 122 -17.39 -13.47 -28.05
N PHE D 123 -16.95 -13.99 -26.91
CA PHE D 123 -16.76 -15.42 -26.71
C PHE D 123 -17.49 -15.82 -25.45
N PRO D 124 -18.47 -16.75 -25.55
CA PRO D 124 -19.14 -17.21 -24.35
C PRO D 124 -18.26 -18.17 -23.54
N PRO D 125 -18.55 -18.36 -22.25
CA PRO D 125 -17.84 -19.39 -21.48
C PRO D 125 -18.06 -20.79 -22.07
N SER D 126 -17.04 -21.64 -21.99
CA SER D 126 -17.13 -23.01 -22.50
C SER D 126 -17.88 -23.90 -21.52
N ASP D 127 -18.41 -25.01 -22.02
CA ASP D 127 -19.04 -26.01 -21.14
C ASP D 127 -18.02 -26.61 -20.17
N GLU D 128 -16.78 -26.82 -20.63
CA GLU D 128 -15.69 -27.30 -19.78
C GLU D 128 -15.47 -26.39 -18.56
N GLN D 129 -15.47 -25.07 -18.75
CA GLN D 129 -15.29 -24.12 -17.64
C GLN D 129 -16.50 -24.07 -16.70
N LEU D 130 -17.70 -24.11 -17.27
CA LEU D 130 -18.94 -23.98 -16.47
C LEU D 130 -19.07 -25.09 -15.41
N LYS D 131 -18.64 -26.30 -15.74
CA LYS D 131 -18.65 -27.41 -14.77
C LYS D 131 -17.73 -27.19 -13.54
N SER D 132 -16.79 -26.24 -13.63
CA SER D 132 -15.93 -25.87 -12.49
C SER D 132 -16.43 -24.66 -11.67
N GLY D 133 -17.68 -24.23 -11.86
CA GLY D 133 -18.28 -23.20 -11.02
C GLY D 133 -17.79 -21.77 -11.26
N THR D 134 -17.13 -21.53 -12.39
CA THR D 134 -16.69 -20.20 -12.80
C THR D 134 -17.12 -19.95 -14.24
N ALA D 135 -17.43 -18.70 -14.56
CA ALA D 135 -17.82 -18.30 -15.92
C ALA D 135 -17.04 -17.07 -16.35
N SER D 136 -16.28 -17.20 -17.44
CA SER D 136 -15.50 -16.11 -18.00
C SER D 136 -16.02 -15.80 -19.40
N VAL D 137 -16.41 -14.54 -19.62
CA VAL D 137 -16.86 -14.05 -20.91
C VAL D 137 -15.77 -13.11 -21.43
N VAL D 138 -15.37 -13.32 -22.68
CA VAL D 138 -14.23 -12.62 -23.27
C VAL D 138 -14.67 -11.81 -24.48
N CYS D 139 -14.32 -10.52 -24.47
CA CYS D 139 -14.51 -9.60 -25.58
C CYS D 139 -13.13 -9.28 -26.15
N LEU D 140 -12.97 -9.53 -27.45
CA LEU D 140 -11.73 -9.23 -28.17
C LEU D 140 -11.92 -8.00 -29.05
N LEU D 141 -11.01 -7.04 -28.92
CA LEU D 141 -10.90 -5.90 -29.83
C LEU D 141 -9.63 -6.12 -30.64
N ASN D 142 -9.78 -6.42 -31.92
CA ASN D 142 -8.63 -6.83 -32.74
C ASN D 142 -8.11 -5.79 -33.72
N ASN D 143 -6.79 -5.58 -33.70
CA ASN D 143 -6.04 -4.83 -34.70
C ASN D 143 -6.54 -3.40 -34.91
N PHE D 144 -6.50 -2.60 -33.85
CA PHE D 144 -6.99 -1.22 -33.89
C PHE D 144 -5.92 -0.18 -33.62
N TYR D 145 -6.25 1.07 -33.94
CA TYR D 145 -5.39 2.21 -33.69
C TYR D 145 -6.25 3.48 -33.71
N PRO D 146 -6.12 4.39 -32.74
CA PRO D 146 -5.10 4.35 -31.67
C PRO D 146 -5.45 3.44 -30.49
N ARG D 147 -4.52 3.37 -29.54
CA ARG D 147 -4.64 2.51 -28.35
C ARG D 147 -5.91 2.79 -27.53
N GLU D 148 -6.35 4.04 -27.52
CA GLU D 148 -7.47 4.47 -26.68
C GLU D 148 -8.78 3.81 -27.12
N ALA D 149 -9.35 3.00 -26.23
CA ALA D 149 -10.60 2.31 -26.51
C ALA D 149 -11.35 2.08 -25.22
N LYS D 150 -12.67 2.23 -25.25
CA LYS D 150 -13.53 1.96 -24.11
C LYS D 150 -14.36 0.71 -24.40
N VAL D 151 -14.36 -0.23 -23.45
CA VAL D 151 -15.15 -1.44 -23.50
C VAL D 151 -16.08 -1.45 -22.30
N GLN D 152 -17.37 -1.63 -22.54
CA GLN D 152 -18.40 -1.67 -21.50
C GLN D 152 -19.14 -3.00 -21.58
N TRP D 153 -19.19 -3.73 -20.47
CA TRP D 153 -19.99 -4.95 -20.37
C TRP D 153 -21.43 -4.62 -19.95
N LYS D 154 -22.38 -5.20 -20.67
CA LYS D 154 -23.82 -5.09 -20.34
C LYS D 154 -24.38 -6.50 -20.18
N VAL D 155 -25.04 -6.75 -19.04
CA VAL D 155 -25.72 -8.03 -18.76
C VAL D 155 -27.20 -7.76 -18.58
N ASP D 156 -28.02 -8.18 -19.55
CA ASP D 156 -29.43 -7.77 -19.68
C ASP D 156 -29.58 -6.25 -19.59
N ASN D 157 -28.75 -5.54 -20.37
CA ASN D 157 -28.70 -4.08 -20.43
C ASN D 157 -28.27 -3.35 -19.14
N ALA D 158 -27.74 -4.08 -18.16
CA ALA D 158 -27.22 -3.51 -16.91
C ALA D 158 -25.71 -3.34 -17.02
N LEU D 159 -25.26 -2.10 -16.97
CA LEU D 159 -23.84 -1.75 -17.11
C LEU D 159 -23.03 -2.36 -15.96
N GLN D 160 -21.95 -3.09 -16.29
CA GLN D 160 -21.13 -3.81 -15.31
C GLN D 160 -19.91 -3.00 -14.89
N SER D 161 -19.47 -3.17 -13.64
CA SER D 161 -18.27 -2.52 -13.11
C SER D 161 -17.55 -3.41 -12.07
N GLY D 162 -16.23 -3.28 -11.98
CA GLY D 162 -15.43 -3.98 -10.96
C GLY D 162 -15.16 -5.47 -11.17
N ASN D 163 -15.76 -6.07 -12.19
CA ASN D 163 -15.68 -7.52 -12.42
C ASN D 163 -15.15 -7.87 -13.82
N SER D 164 -14.48 -6.91 -14.46
CA SER D 164 -13.83 -7.15 -15.74
C SER D 164 -12.40 -6.70 -15.65
N GLN D 165 -11.54 -7.34 -16.45
CA GLN D 165 -10.14 -6.95 -16.51
C GLN D 165 -9.73 -6.86 -17.96
N GLU D 166 -8.90 -5.87 -18.27
CA GLU D 166 -8.42 -5.63 -19.63
C GLU D 166 -6.93 -5.92 -19.70
N SER D 167 -6.54 -6.46 -20.85
CA SER D 167 -5.17 -6.72 -21.18
C SER D 167 -4.96 -6.24 -22.61
N VAL D 168 -3.83 -5.59 -22.89
CA VAL D 168 -3.56 -4.99 -24.20
C VAL D 168 -2.20 -5.45 -24.69
N THR D 169 -2.11 -5.79 -25.97
CA THR D 169 -0.81 -6.16 -26.56
C THR D 169 0.03 -4.90 -26.77
N GLU D 170 1.34 -5.11 -26.93
CA GLU D 170 2.22 -4.02 -27.35
C GLU D 170 1.95 -3.70 -28.81
N GLN D 171 2.38 -2.52 -29.26
CA GLN D 171 2.14 -2.12 -30.64
C GLN D 171 2.78 -3.13 -31.60
N ASP D 172 2.02 -3.58 -32.59
CA ASP D 172 2.48 -4.60 -33.53
C ASP D 172 3.60 -4.03 -34.40
N SER D 173 4.71 -4.76 -34.54
CA SER D 173 5.85 -4.26 -35.31
C SER D 173 5.64 -4.23 -36.83
N LYS D 174 4.68 -5.00 -37.34
CA LYS D 174 4.39 -5.03 -38.79
C LYS D 174 3.35 -3.97 -39.20
N ASP D 175 2.22 -3.95 -38.50
CA ASP D 175 1.10 -3.06 -38.87
C ASP D 175 0.77 -1.93 -37.87
N SER D 176 1.56 -1.79 -36.79
CA SER D 176 1.41 -0.71 -35.79
C SER D 176 0.05 -0.67 -35.10
N THR D 177 -0.69 -1.78 -35.07
CA THR D 177 -1.98 -1.84 -34.38
C THR D 177 -1.83 -2.41 -32.97
N TYR D 178 -2.91 -2.24 -32.20
CA TYR D 178 -3.08 -2.82 -30.88
C TYR D 178 -4.21 -3.85 -30.92
N SER D 179 -4.17 -4.76 -29.96
CA SER D 179 -5.30 -5.65 -29.69
C SER D 179 -5.53 -5.67 -28.20
N LEU D 180 -6.79 -5.90 -27.83
CA LEU D 180 -7.22 -5.82 -26.44
C LEU D 180 -8.24 -6.92 -26.16
N SER D 181 -8.08 -7.58 -25.02
CA SER D 181 -9.04 -8.51 -24.52
C SER D 181 -9.63 -7.91 -23.26
N SER D 182 -10.94 -8.03 -23.10
CA SER D 182 -11.61 -7.74 -21.84
C SER D 182 -12.31 -9.00 -21.37
N THR D 183 -12.11 -9.36 -20.10
CA THR D 183 -12.65 -10.59 -19.54
C THR D 183 -13.59 -10.29 -18.38
N LEU D 184 -14.86 -10.60 -18.57
CA LEU D 184 -15.87 -10.49 -17.51
C LEU D 184 -15.87 -11.81 -16.73
N THR D 185 -15.59 -11.74 -15.43
CA THR D 185 -15.57 -12.93 -14.57
C THR D 185 -16.79 -12.93 -13.67
N LEU D 186 -17.47 -14.07 -13.64
CA LEU D 186 -18.64 -14.28 -12.81
C LEU D 186 -18.58 -15.67 -12.18
N SER D 187 -19.35 -15.86 -11.11
CA SER D 187 -19.64 -17.21 -10.62
C SER D 187 -20.64 -17.85 -11.57
N LYS D 188 -20.67 -19.19 -11.60
CA LYS D 188 -21.62 -19.93 -12.44
C LYS D 188 -23.06 -19.63 -12.04
N ALA D 189 -23.29 -19.51 -10.73
CA ALA D 189 -24.59 -19.10 -10.18
C ALA D 189 -25.04 -17.75 -10.76
N ASP D 190 -24.15 -16.76 -10.72
CA ASP D 190 -24.48 -15.42 -11.25
C ASP D 190 -24.53 -15.36 -12.77
N TYR D 191 -23.76 -16.21 -13.44
CA TYR D 191 -23.86 -16.37 -14.90
C TYR D 191 -25.24 -16.86 -15.31
N GLU D 192 -25.74 -17.87 -14.60
CA GLU D 192 -27.05 -18.48 -14.89
C GLU D 192 -28.26 -17.60 -14.48
N LYS D 193 -28.04 -16.59 -13.63
CA LYS D 193 -29.10 -15.62 -13.29
C LYS D 193 -29.56 -14.75 -14.47
N HIS D 194 -28.69 -14.51 -15.44
CA HIS D 194 -28.99 -13.62 -16.58
C HIS D 194 -28.85 -14.32 -17.93
N LYS D 195 -29.38 -13.66 -18.98
CA LYS D 195 -29.53 -14.22 -20.33
C LYS D 195 -28.60 -13.59 -21.36
N VAL D 196 -28.74 -12.27 -21.54
CA VAL D 196 -28.06 -11.54 -22.61
C VAL D 196 -26.72 -10.96 -22.13
N TYR D 197 -25.64 -11.34 -22.80
CA TYR D 197 -24.29 -10.84 -22.48
C TYR D 197 -23.77 -10.09 -23.67
N ALA D 198 -23.34 -8.84 -23.45
CA ALA D 198 -22.89 -7.95 -24.52
C ALA D 198 -21.73 -7.08 -24.07
N CYS D 199 -20.75 -6.89 -24.96
CA CYS D 199 -19.73 -5.86 -24.77
C CYS D 199 -19.95 -4.77 -25.82
N GLU D 200 -19.90 -3.53 -25.35
CA GLU D 200 -20.07 -2.34 -26.18
C GLU D 200 -18.73 -1.62 -26.29
N VAL D 201 -18.29 -1.38 -27.52
CA VAL D 201 -16.97 -0.82 -27.78
C VAL D 201 -17.07 0.57 -28.40
N THR D 202 -16.33 1.51 -27.84
CA THR D 202 -16.24 2.89 -28.31
C THR D 202 -14.81 3.15 -28.73
N HIS D 203 -14.64 3.70 -29.93
CA HIS D 203 -13.30 3.93 -30.50
C HIS D 203 -13.36 4.93 -31.66
N GLN D 204 -12.29 5.70 -31.84
CA GLN D 204 -12.18 6.75 -32.86
C GLN D 204 -12.53 6.30 -34.29
N GLY D 205 -12.09 5.11 -34.67
CA GLY D 205 -12.48 4.46 -35.93
C GLY D 205 -13.91 3.95 -36.10
N LEU D 206 -14.71 4.03 -35.04
CA LEU D 206 -16.12 3.64 -35.10
C LEU D 206 -16.98 4.88 -35.02
N SER D 207 -17.81 5.12 -36.04
CA SER D 207 -18.65 6.33 -36.08
C SER D 207 -19.70 6.37 -34.96
N SER D 208 -20.12 5.19 -34.50
CA SER D 208 -20.87 5.05 -33.24
C SER D 208 -20.45 3.73 -32.57
N PRO D 209 -20.78 3.53 -31.28
CA PRO D 209 -20.27 2.33 -30.59
C PRO D 209 -20.83 1.00 -31.13
N VAL D 210 -19.96 -0.01 -31.20
CA VAL D 210 -20.32 -1.34 -31.70
C VAL D 210 -20.59 -2.23 -30.50
N THR D 211 -21.68 -2.98 -30.55
CA THR D 211 -22.05 -3.94 -29.53
C THR D 211 -22.04 -5.34 -30.14
N LYS D 212 -21.39 -6.28 -29.48
CA LYS D 212 -21.44 -7.70 -29.82
C LYS D 212 -22.04 -8.42 -28.65
N SER D 213 -22.90 -9.40 -28.91
CA SER D 213 -23.63 -10.09 -27.85
C SER D 213 -24.01 -11.53 -28.18
N PHE D 214 -24.45 -12.24 -27.14
CA PHE D 214 -25.03 -13.58 -27.27
C PHE D 214 -26.06 -13.83 -26.18
N ASN D 215 -26.76 -14.96 -26.28
CA ASN D 215 -27.74 -15.42 -25.29
C ASN D 215 -27.26 -16.68 -24.57
#